data_4RNK
# 
_entry.id   4RNK 
# 
_audit_conform.dict_name       mmcif_pdbx.dic 
_audit_conform.dict_version    5.379 
_audit_conform.dict_location   http://mmcif.pdb.org/dictionaries/ascii/mmcif_pdbx.dic 
# 
loop_
_database_2.database_id 
_database_2.database_code 
_database_2.pdbx_database_accession 
_database_2.pdbx_DOI 
PDB   4RNK         pdb_00004rnk 10.2210/pdb4rnk/pdb 
NDB   NA3260       ?            ?                   
RCSB  RCSB087567   ?            ?                   
WWPDB D_1000087567 ?            ?                   
# 
_pdbx_database_related.db_name        PDB 
_pdbx_database_related.db_id          1p1y 
_pdbx_database_related.details        'CRYSTAL STRUCTURE OF A CONTINUOUS THREE-DIMENSIONAL DNA LATTICE FROM D(GGACAGATGGGAG)' 
_pdbx_database_related.content_type   unspecified 
# 
_pdbx_database_status.status_code                     REL 
_pdbx_database_status.entry_id                        4RNK 
_pdbx_database_status.recvd_initial_deposition_date   2014-10-24 
_pdbx_database_status.deposit_site                    RCSB 
_pdbx_database_status.process_site                    RCSB 
_pdbx_database_status.status_code_sf                  REL 
_pdbx_database_status.status_code_mr                  ? 
_pdbx_database_status.SG_entry                        ? 
_pdbx_database_status.status_code_cs                  ? 
_pdbx_database_status.methods_development_category    ? 
_pdbx_database_status.pdb_format_compatible           Y 
_pdbx_database_status.status_code_nmr_data            ? 
# 
loop_
_audit_author.name 
_audit_author.pdbx_ordinal 
'Saoji, M.M.'      1 
'Paukstelis, P.J.' 2 
# 
_citation.id                        primary 
_citation.title                     'Probing the role of sequence in the assembly of three-dimensional DNA crystals.' 
_citation.journal_abbrev            Biopolymers 
_citation.journal_volume            103 
_citation.page_first                618 
_citation.page_last                 626 
_citation.year                      2015 
_citation.journal_id_ASTM           BIPMAA 
_citation.country                   US 
_citation.journal_id_ISSN           0006-3525 
_citation.journal_id_CSD            0161 
_citation.book_publisher            ? 
_citation.pdbx_database_id_PubMed   26015367 
_citation.pdbx_database_id_DOI      10.1002/bip.22688 
# 
loop_
_citation_author.citation_id 
_citation_author.name 
_citation_author.ordinal 
_citation_author.identifier_ORCID 
primary 'Saoji, M.'        1 ? 
primary 'Zhang, D.'        2 ? 
primary 'Paukstelis, P.J.' 3 ? 
# 
_cell.entry_id           4RNK 
_cell.length_a           39.729 
_cell.length_b           39.729 
_cell.length_c           55.989 
_cell.angle_alpha        90.00 
_cell.angle_beta         90.00 
_cell.angle_gamma        120.00 
_cell.Z_PDB              6 
_cell.pdbx_unique_axis   ? 
_cell.length_a_esd       ? 
_cell.length_b_esd       ? 
_cell.length_c_esd       ? 
_cell.angle_alpha_esd    ? 
_cell.angle_beta_esd     ? 
_cell.angle_gamma_esd    ? 
# 
_symmetry.entry_id                         4RNK 
_symmetry.space_group_name_H-M             'P 64' 
_symmetry.pdbx_full_space_group_name_H-M   ? 
_symmetry.cell_setting                     ? 
_symmetry.Int_Tables_number                172 
_symmetry.space_group_name_Hall            ? 
# 
loop_
_entity.id 
_entity.type 
_entity.src_method 
_entity.pdbx_description 
_entity.formula_weight 
_entity.pdbx_number_of_molecules 
_entity.pdbx_ec 
_entity.pdbx_mutation 
_entity.pdbx_fragment 
_entity.details 
1 polymer     syn GGAAAATTTGGAG   4079.684 1 ? ? ? ? 
2 non-polymer syn 'MAGNESIUM ION' 24.305   2 ? ? ? ? 
3 water       nat water           18.015   9 ? ? ? ? 
# 
_entity_poly.entity_id                      1 
_entity_poly.type                           polydeoxyribonucleotide 
_entity_poly.nstd_linkage                   no 
_entity_poly.nstd_monomer                   no 
_entity_poly.pdbx_seq_one_letter_code       '(DG)(DG)(DA)(DA)(DA)(DA)(DT)(DT)(DT)(DG)(DG)(DA)(DG)' 
_entity_poly.pdbx_seq_one_letter_code_can   GGAAAATTTGGAG 
_entity_poly.pdbx_strand_id                 A 
_entity_poly.pdbx_target_identifier         ? 
# 
loop_
_entity_poly_seq.entity_id 
_entity_poly_seq.num 
_entity_poly_seq.mon_id 
_entity_poly_seq.hetero 
1 1  DG n 
1 2  DG n 
1 3  DA n 
1 4  DA n 
1 5  DA n 
1 6  DA n 
1 7  DT n 
1 8  DT n 
1 9  DT n 
1 10 DG n 
1 11 DG n 
1 12 DA n 
1 13 DG n 
# 
_pdbx_entity_src_syn.entity_id              1 
_pdbx_entity_src_syn.pdbx_src_id            1 
_pdbx_entity_src_syn.pdbx_alt_source_flag   sample 
_pdbx_entity_src_syn.pdbx_beg_seq_num       ? 
_pdbx_entity_src_syn.pdbx_end_seq_num       ? 
_pdbx_entity_src_syn.organism_scientific    ? 
_pdbx_entity_src_syn.organism_common_name   ? 
_pdbx_entity_src_syn.ncbi_taxonomy_id       ? 
_pdbx_entity_src_syn.details                'The DNA sample was synthesized using a DNA synthesizer.' 
# 
_struct_ref.id                         1 
_struct_ref.db_name                    PDB 
_struct_ref.db_code                    4RNK 
_struct_ref.pdbx_db_accession          4RNK 
_struct_ref.entity_id                  1 
_struct_ref.pdbx_align_begin           ? 
_struct_ref.pdbx_seq_one_letter_code   GGAAAATTTGGAG 
_struct_ref.pdbx_db_isoform            ? 
# 
_struct_ref_seq.align_id                      1 
_struct_ref_seq.ref_id                        1 
_struct_ref_seq.pdbx_PDB_id_code              4RNK 
_struct_ref_seq.pdbx_strand_id                A 
_struct_ref_seq.seq_align_beg                 1 
_struct_ref_seq.pdbx_seq_align_beg_ins_code   ? 
_struct_ref_seq.seq_align_end                 13 
_struct_ref_seq.pdbx_seq_align_end_ins_code   ? 
_struct_ref_seq.pdbx_db_accession             4RNK 
_struct_ref_seq.db_align_beg                  1 
_struct_ref_seq.pdbx_db_align_beg_ins_code    ? 
_struct_ref_seq.db_align_end                  13 
_struct_ref_seq.pdbx_db_align_end_ins_code    ? 
_struct_ref_seq.pdbx_auth_seq_align_beg       1 
_struct_ref_seq.pdbx_auth_seq_align_end       13 
# 
loop_
_chem_comp.id 
_chem_comp.type 
_chem_comp.mon_nstd_flag 
_chem_comp.name 
_chem_comp.pdbx_synonyms 
_chem_comp.formula 
_chem_comp.formula_weight 
DA  'DNA linking' y "2'-DEOXYADENOSINE-5'-MONOPHOSPHATE" ? 'C10 H14 N5 O6 P' 331.222 
DG  'DNA linking' y "2'-DEOXYGUANOSINE-5'-MONOPHOSPHATE" ? 'C10 H14 N5 O7 P' 347.221 
DT  'DNA linking' y "THYMIDINE-5'-MONOPHOSPHATE"         ? 'C10 H15 N2 O8 P' 322.208 
HOH non-polymer   . WATER                                ? 'H2 O'            18.015  
MG  non-polymer   . 'MAGNESIUM ION'                      ? 'Mg 2'            24.305  
# 
_exptl.entry_id          4RNK 
_exptl.method            'X-RAY DIFFRACTION' 
_exptl.crystals_number   1 
# 
_exptl_crystal.id                    1 
_exptl_crystal.density_meas          ? 
_exptl_crystal.density_Matthews      3.13 
_exptl_crystal.density_percent_sol   60.66 
_exptl_crystal.description           ? 
_exptl_crystal.F_000                 ? 
_exptl_crystal.preparation           ? 
# 
_exptl_crystal_grow.crystal_id      1 
_exptl_crystal_grow.method          EVAPORATION 
_exptl_crystal_grow.temp            298 
_exptl_crystal_grow.temp_details    ? 
_exptl_crystal_grow.pH              ? 
_exptl_crystal_grow.pdbx_details    
;120mM Magnesium Formate   
50mM Lithium Chloride   
10% MPD, pH none, EVAPORATION, temperature 298K
;
_exptl_crystal_grow.pdbx_pH_range   none 
# 
_diffrn.id                     1 
_diffrn.ambient_temp           100 
_diffrn.ambient_temp_details   ? 
_diffrn.crystal_id             1 
# 
_diffrn_detector.diffrn_id              1 
_diffrn_detector.detector               PIXEL 
_diffrn_detector.type                   'DECTRIS PILATUS 6M-F' 
_diffrn_detector.pdbx_collection_date   2014-06-29 
_diffrn_detector.details                ? 
# 
_diffrn_radiation.diffrn_id                        1 
_diffrn_radiation.wavelength_id                    1 
_diffrn_radiation.pdbx_monochromatic_or_laue_m_l   M 
_diffrn_radiation.monochromator                    'Si(111)' 
_diffrn_radiation.pdbx_diffrn_protocol             'SINGLE WAVELENGTH' 
_diffrn_radiation.pdbx_scattering_type             x-ray 
# 
_diffrn_radiation_wavelength.id           1 
_diffrn_radiation_wavelength.wavelength   0.979200 
_diffrn_radiation_wavelength.wt           1.0 
# 
_diffrn_source.diffrn_id                   1 
_diffrn_source.source                      SYNCHROTRON 
_diffrn_source.type                        'APS BEAMLINE 24-ID-C' 
_diffrn_source.pdbx_synchrotron_site       APS 
_diffrn_source.pdbx_synchrotron_beamline   24-ID-C 
_diffrn_source.pdbx_wavelength             ? 
_diffrn_source.pdbx_wavelength_list        0.979200 
# 
_reflns.entry_id                     4RNK 
_reflns.observed_criterion_sigma_I   0 
_reflns.observed_criterion_sigma_F   0 
_reflns.d_resolution_low             55.99 
_reflns.d_resolution_high            2.08 
_reflns.number_obs                   3045 
_reflns.number_all                   ? 
_reflns.percent_possible_obs         ? 
_reflns.pdbx_Rmerge_I_obs            0.051 
_reflns.pdbx_Rsym_value              ? 
_reflns.pdbx_netI_over_sigmaI        28.4 
_reflns.B_iso_Wilson_estimate        ? 
_reflns.pdbx_redundancy              5.2 
_reflns.R_free_details               ? 
_reflns.limit_h_max                  ? 
_reflns.limit_h_min                  ? 
_reflns.limit_k_max                  ? 
_reflns.limit_k_min                  ? 
_reflns.limit_l_max                  ? 
_reflns.limit_l_min                  ? 
_reflns.observed_criterion_F_max     ? 
_reflns.observed_criterion_F_min     ? 
_reflns.pdbx_chi_squared             ? 
_reflns.pdbx_scaling_rejects         ? 
_reflns.pdbx_ordinal                 1 
_reflns.pdbx_diffrn_id               1 
# 
_reflns_shell.d_res_high             2.08 
_reflns_shell.d_res_low              2.19 
_reflns_shell.percent_possible_all   ? 
_reflns_shell.Rmerge_I_obs           0.390 
_reflns_shell.pdbx_Rsym_value        ? 
_reflns_shell.meanI_over_sigI_obs    3.5 
_reflns_shell.pdbx_redundancy        2.5 
_reflns_shell.percent_possible_obs   ? 
_reflns_shell.number_unique_all      426 
_reflns_shell.number_measured_all    ? 
_reflns_shell.number_measured_obs    ? 
_reflns_shell.number_unique_obs      ? 
_reflns_shell.pdbx_chi_squared       ? 
_reflns_shell.pdbx_ordinal           1 
_reflns_shell.pdbx_diffrn_id         1 
# 
_refine.entry_id                                 4RNK 
_refine.ls_number_reflns_obs                     2738 
_refine.ls_number_reflns_all                     ? 
_refine.pdbx_ls_sigma_I                          ? 
_refine.pdbx_ls_sigma_F                          . 
_refine.pdbx_data_cutoff_high_absF               ? 
_refine.pdbx_data_cutoff_low_absF                ? 
_refine.pdbx_data_cutoff_high_rms_absF           ? 
_refine.ls_d_res_low                             34.41 
_refine.ls_d_res_high                            2.08 
_refine.ls_percent_reflns_obs                    98.76 
_refine.ls_R_factor_obs                          0.20444 
_refine.ls_R_factor_all                          ? 
_refine.ls_R_factor_R_work                       0.20098 
_refine.ls_R_factor_R_free                       0.23930 
_refine.ls_R_factor_R_free_error                 ? 
_refine.ls_R_factor_R_free_error_details         ? 
_refine.ls_percent_reflns_R_free                 9.3 
_refine.ls_number_reflns_R_free                  280 
_refine.ls_number_parameters                     ? 
_refine.ls_number_restraints                     ? 
_refine.occupancy_min                            ? 
_refine.occupancy_max                            ? 
_refine.correlation_coeff_Fo_to_Fc               0.967 
_refine.correlation_coeff_Fo_to_Fc_free          0.954 
_refine.B_iso_mean                               60.531 
_refine.aniso_B[1][1]                            0.30 
_refine.aniso_B[2][2]                            0.30 
_refine.aniso_B[3][3]                            -0.97 
_refine.aniso_B[1][2]                            0.15 
_refine.aniso_B[1][3]                            -0.00 
_refine.aniso_B[2][3]                            0.00 
_refine.solvent_model_details                    MASK 
_refine.solvent_model_param_ksol                 ? 
_refine.solvent_model_param_bsol                 ? 
_refine.pdbx_solvent_vdw_probe_radii             1.00 
_refine.pdbx_solvent_ion_probe_radii             0.70 
_refine.pdbx_solvent_shrinkage_radii             0.70 
_refine.pdbx_ls_cross_valid_method               THROUGHOUT 
_refine.details                                  'HYDROGENS HAVE BEEN ADDED IN THE RIDING POSITIONS' 
_refine.pdbx_starting_model                      'PDB ENTRY 1P1Y' 
_refine.pdbx_method_to_determine_struct          'MOLECULAR REPLACEMENT' 
_refine.pdbx_isotropic_thermal_model             ? 
_refine.pdbx_stereochemistry_target_values       'MAXIMUM LIKELIHOOD' 
_refine.pdbx_stereochem_target_val_spec_case     ? 
_refine.pdbx_R_Free_selection_details            RANDOM 
_refine.pdbx_overall_ESU_R                       0.172 
_refine.pdbx_overall_ESU_R_Free                  0.161 
_refine.overall_SU_ML                            0.137 
_refine.pdbx_overall_phase_error                 ? 
_refine.overall_SU_B                             11.485 
_refine.overall_SU_R_Cruickshank_DPI             ? 
_refine.ls_redundancy_reflns_obs                 ? 
_refine.B_iso_min                                ? 
_refine.B_iso_max                                ? 
_refine.overall_SU_R_free                        ? 
_refine.ls_wR_factor_R_free                      ? 
_refine.ls_wR_factor_R_work                      ? 
_refine.overall_FOM_free_R_set                   ? 
_refine.overall_FOM_work_R_set                   ? 
_refine.pdbx_diffrn_id                           1 
_refine.pdbx_refine_id                           'X-RAY DIFFRACTION' 
_refine.pdbx_TLS_residual_ADP_flag               ? 
_refine.pdbx_overall_SU_R_free_Cruickshank_DPI   ? 
_refine.pdbx_overall_SU_R_Blow_DPI               ? 
_refine.pdbx_overall_SU_R_free_Blow_DPI          ? 
# 
_refine_hist.pdbx_refine_id                   'X-RAY DIFFRACTION' 
_refine_hist.cycle_id                         LAST 
_refine_hist.pdbx_number_atoms_protein        0 
_refine_hist.pdbx_number_atoms_nucleic_acid   254 
_refine_hist.pdbx_number_atoms_ligand         2 
_refine_hist.number_atoms_solvent             9 
_refine_hist.number_atoms_total               265 
_refine_hist.d_res_high                       2.08 
_refine_hist.d_res_low                        34.41 
# 
loop_
_refine_ls_restr.type 
_refine_ls_restr.dev_ideal 
_refine_ls_restr.dev_ideal_target 
_refine_ls_restr.weight 
_refine_ls_restr.number 
_refine_ls_restr.pdbx_restraint_function 
_refine_ls_restr.pdbx_refine_id 
r_bond_refined_d             0.012 0.011  ? 286 ? 'X-RAY DIFFRACTION' 
r_bond_other_d               0.002 0.020  ? 136 ? 'X-RAY DIFFRACTION' 
r_angle_refined_deg          1.800 1.161  ? 442 ? 'X-RAY DIFFRACTION' 
r_angle_other_deg            1.876 3.000  ? 322 ? 'X-RAY DIFFRACTION' 
r_dihedral_angle_1_deg       ?     ?      ? ?   ? 'X-RAY DIFFRACTION' 
r_dihedral_angle_2_deg       ?     ?      ? ?   ? 'X-RAY DIFFRACTION' 
r_dihedral_angle_3_deg       ?     ?      ? ?   ? 'X-RAY DIFFRACTION' 
r_dihedral_angle_4_deg       ?     ?      ? ?   ? 'X-RAY DIFFRACTION' 
r_chiral_restr               0.081 0.200  ? 36  ? 'X-RAY DIFFRACTION' 
r_gen_planes_refined         0.021 0.020  ? 149 ? 'X-RAY DIFFRACTION' 
r_gen_planes_other           0.003 0.020  ? 58  ? 'X-RAY DIFFRACTION' 
r_nbd_refined                ?     ?      ? ?   ? 'X-RAY DIFFRACTION' 
r_nbd_other                  ?     ?      ? ?   ? 'X-RAY DIFFRACTION' 
r_nbtor_refined              ?     ?      ? ?   ? 'X-RAY DIFFRACTION' 
r_nbtor_other                ?     ?      ? ?   ? 'X-RAY DIFFRACTION' 
r_xyhbond_nbd_refined        ?     ?      ? ?   ? 'X-RAY DIFFRACTION' 
r_xyhbond_nbd_other          ?     ?      ? ?   ? 'X-RAY DIFFRACTION' 
r_metal_ion_refined          ?     ?      ? ?   ? 'X-RAY DIFFRACTION' 
r_metal_ion_other            ?     ?      ? ?   ? 'X-RAY DIFFRACTION' 
r_symmetry_vdw_refined       ?     ?      ? ?   ? 'X-RAY DIFFRACTION' 
r_symmetry_vdw_other         ?     ?      ? ?   ? 'X-RAY DIFFRACTION' 
r_symmetry_hbond_refined     ?     ?      ? ?   ? 'X-RAY DIFFRACTION' 
r_symmetry_hbond_other       ?     ?      ? ?   ? 'X-RAY DIFFRACTION' 
r_symmetry_metal_ion_refined ?     ?      ? ?   ? 'X-RAY DIFFRACTION' 
r_symmetry_metal_ion_other   ?     ?      ? ?   ? 'X-RAY DIFFRACTION' 
r_mcbond_it                  ?     ?      ? ?   ? 'X-RAY DIFFRACTION' 
r_mcbond_other               ?     ?      ? ?   ? 'X-RAY DIFFRACTION' 
r_mcangle_it                 ?     ?      ? ?   ? 'X-RAY DIFFRACTION' 
r_mcangle_other              ?     ?      ? ?   ? 'X-RAY DIFFRACTION' 
r_scbond_it                  2.532 3.306  ? 286 ? 'X-RAY DIFFRACTION' 
r_scbond_other               2.455 3.281  ? 284 ? 'X-RAY DIFFRACTION' 
r_scangle_it                 ?     ?      ? ?   ? 'X-RAY DIFFRACTION' 
r_scangle_other              3.751 4.958  ? 440 ? 'X-RAY DIFFRACTION' 
r_long_range_B_refined       4.792 31.963 ? 412 ? 'X-RAY DIFFRACTION' 
r_long_range_B_other         4.733 31.864 ? 412 ? 'X-RAY DIFFRACTION' 
r_rigid_bond_restr           ?     ?      ? ?   ? 'X-RAY DIFFRACTION' 
r_sphericity_free            ?     ?      ? ?   ? 'X-RAY DIFFRACTION' 
r_sphericity_bonded          ?     ?      ? ?   ? 'X-RAY DIFFRACTION' 
# 
_refine_ls_shell.pdbx_total_number_of_bins_used   20 
_refine_ls_shell.d_res_high                       2.078 
_refine_ls_shell.d_res_low                        2.132 
_refine_ls_shell.number_reflns_R_work             182 
_refine_ls_shell.R_factor_R_work                  0.324 
_refine_ls_shell.percent_reflns_obs               92.09 
_refine_ls_shell.R_factor_R_free                  0.367 
_refine_ls_shell.R_factor_R_free_error            ? 
_refine_ls_shell.percent_reflns_R_free            ? 
_refine_ls_shell.number_reflns_R_free             16 
_refine_ls_shell.number_reflns_all                ? 
_refine_ls_shell.R_factor_all                     ? 
_refine_ls_shell.number_reflns_obs                ? 
_refine_ls_shell.redundancy_reflns_obs            ? 
_refine_ls_shell.pdbx_refine_id                   'X-RAY DIFFRACTION' 
# 
_struct.entry_id                  4RNK 
_struct.title                     'Sequence and structure of a self-assembled 3-D DNA crystal: D(GGAAAATTTGGAG)' 
_struct.pdbx_model_details        ? 
_struct.pdbx_CASP_flag            ? 
_struct.pdbx_model_type_details   ? 
# 
_struct_keywords.entry_id        4RNK 
_struct_keywords.pdbx_keywords   DNA 
_struct_keywords.text            '3D DNA Lattice, DNA' 
# 
loop_
_struct_asym.id 
_struct_asym.pdbx_blank_PDB_chainid_flag 
_struct_asym.pdbx_modified 
_struct_asym.entity_id 
_struct_asym.details 
A N N 1 ? 
B N N 2 ? 
C N N 2 ? 
D N N 3 ? 
# 
_struct_biol.id        1 
_struct_biol.details   'This DNA monomer self assembles in presence of divalent cations to form 3D DNA crystals.' 
# 
loop_
_struct_conn.id 
_struct_conn.conn_type_id 
_struct_conn.pdbx_leaving_atom_flag 
_struct_conn.pdbx_PDB_id 
_struct_conn.ptnr1_label_asym_id 
_struct_conn.ptnr1_label_comp_id 
_struct_conn.ptnr1_label_seq_id 
_struct_conn.ptnr1_label_atom_id 
_struct_conn.pdbx_ptnr1_label_alt_id 
_struct_conn.pdbx_ptnr1_PDB_ins_code 
_struct_conn.pdbx_ptnr1_standard_comp_id 
_struct_conn.ptnr1_symmetry 
_struct_conn.ptnr2_label_asym_id 
_struct_conn.ptnr2_label_comp_id 
_struct_conn.ptnr2_label_seq_id 
_struct_conn.ptnr2_label_atom_id 
_struct_conn.pdbx_ptnr2_label_alt_id 
_struct_conn.pdbx_ptnr2_PDB_ins_code 
_struct_conn.ptnr1_auth_asym_id 
_struct_conn.ptnr1_auth_comp_id 
_struct_conn.ptnr1_auth_seq_id 
_struct_conn.ptnr2_auth_asym_id 
_struct_conn.ptnr2_auth_comp_id 
_struct_conn.ptnr2_auth_seq_id 
_struct_conn.ptnr2_symmetry 
_struct_conn.pdbx_ptnr3_label_atom_id 
_struct_conn.pdbx_ptnr3_label_seq_id 
_struct_conn.pdbx_ptnr3_label_comp_id 
_struct_conn.pdbx_ptnr3_label_asym_id 
_struct_conn.pdbx_ptnr3_label_alt_id 
_struct_conn.pdbx_ptnr3_PDB_ins_code 
_struct_conn.details 
_struct_conn.pdbx_dist_value 
_struct_conn.pdbx_value_order 
_struct_conn.pdbx_role 
metalc1  metalc ? ? B MG . MG ? ? ? 1_555 D HOH . O  ? ? A MG 101 A HOH 206 1_555 ? ? ? ? ? ? ?            2.071 ? ? 
metalc2  metalc ? ? B MG . MG ? ? ? 1_555 D HOH . O  ? ? A MG 101 A HOH 207 1_555 ? ? ? ? ? ? ?            1.939 ? ? 
metalc3  metalc ? ? C MG . MG ? ? ? 1_555 D HOH . O  ? ? A MG 102 A HOH 209 1_555 ? ? ? ? ? ? ?            2.472 ? ? 
hydrog1  hydrog ? ? A DA 4 N1 ? ? ? 1_555 A DT  9 N3 ? ? A DA 4   A DT  9   4_545 ? ? ? ? ? ? WATSON-CRICK ?     ? ? 
hydrog2  hydrog ? ? A DA 4 N6 ? ? ? 1_555 A DT  9 O4 ? ? A DA 4   A DT  9   4_545 ? ? ? ? ? ? WATSON-CRICK ?     ? ? 
hydrog3  hydrog ? ? A DA 5 N1 ? ? ? 1_555 A DT  8 N3 ? ? A DA 5   A DT  8   4_545 ? ? ? ? ? ? WATSON-CRICK ?     ? ? 
hydrog4  hydrog ? ? A DA 5 N6 ? ? ? 1_555 A DT  8 O4 ? ? A DA 5   A DT  8   4_545 ? ? ? ? ? ? WATSON-CRICK ?     ? ? 
hydrog5  hydrog ? ? A DA 6 N1 ? ? ? 1_555 A DT  7 N3 ? ? A DA 6   A DT  7   4_545 ? ? ? ? ? ? WATSON-CRICK ?     ? ? 
hydrog6  hydrog ? ? A DA 6 N6 ? ? ? 1_555 A DT  7 O4 ? ? A DA 6   A DT  7   4_545 ? ? ? ? ? ? WATSON-CRICK ?     ? ? 
hydrog7  hydrog ? ? A DT 7 N3 ? ? ? 1_555 A DA  6 N1 ? ? A DT 7   A DA  6   4_545 ? ? ? ? ? ? WATSON-CRICK ?     ? ? 
hydrog8  hydrog ? ? A DT 7 O4 ? ? ? 1_555 A DA  6 N6 ? ? A DT 7   A DA  6   4_545 ? ? ? ? ? ? WATSON-CRICK ?     ? ? 
hydrog9  hydrog ? ? A DT 8 N3 ? ? ? 1_555 A DA  5 N1 ? ? A DT 8   A DA  5   4_545 ? ? ? ? ? ? WATSON-CRICK ?     ? ? 
hydrog10 hydrog ? ? A DT 8 O4 ? ? ? 1_555 A DA  5 N6 ? ? A DT 8   A DA  5   4_545 ? ? ? ? ? ? WATSON-CRICK ?     ? ? 
hydrog11 hydrog ? ? A DT 9 N3 ? ? ? 1_555 A DA  4 N1 ? ? A DT 9   A DA  4   4_545 ? ? ? ? ? ? WATSON-CRICK ?     ? ? 
hydrog12 hydrog ? ? A DT 9 O4 ? ? ? 1_555 A DA  4 N6 ? ? A DT 9   A DA  4   4_545 ? ? ? ? ? ? WATSON-CRICK ?     ? ? 
# 
loop_
_struct_conn_type.id 
_struct_conn_type.criteria 
_struct_conn_type.reference 
metalc ? ? 
hydrog ? ? 
# 
loop_
_struct_site.id 
_struct_site.pdbx_evidence_code 
_struct_site.pdbx_auth_asym_id 
_struct_site.pdbx_auth_comp_id 
_struct_site.pdbx_auth_seq_id 
_struct_site.pdbx_auth_ins_code 
_struct_site.pdbx_num_residues 
_struct_site.details 
AC1 Software A MG 101 ? 2 'BINDING SITE FOR RESIDUE MG A 101' 
AC2 Software A MG 102 ? 4 'BINDING SITE FOR RESIDUE MG A 102' 
# 
loop_
_struct_site_gen.id 
_struct_site_gen.site_id 
_struct_site_gen.pdbx_num_res 
_struct_site_gen.label_comp_id 
_struct_site_gen.label_asym_id 
_struct_site_gen.label_seq_id 
_struct_site_gen.pdbx_auth_ins_code 
_struct_site_gen.auth_comp_id 
_struct_site_gen.auth_asym_id 
_struct_site_gen.auth_seq_id 
_struct_site_gen.label_atom_id 
_struct_site_gen.label_alt_id 
_struct_site_gen.symmetry 
_struct_site_gen.details 
1 AC1 2 HOH D .  ? HOH A 206 . ? 1_555 ? 
2 AC1 2 HOH D .  ? HOH A 207 . ? 1_555 ? 
3 AC2 4 DA  A 3  ? DA  A 3   . ? 1_555 ? 
4 AC2 4 DG  A 10 ? DG  A 10  . ? 5_555 ? 
5 AC2 4 DG  A 11 ? DG  A 11  . ? 5_555 ? 
6 AC2 4 HOH D .  ? HOH A 209 . ? 1_555 ? 
# 
_atom_sites.entry_id                    4RNK 
_atom_sites.fract_transf_matrix[1][1]   0.01339985 
_atom_sites.fract_transf_matrix[1][2]   0.02425463 
_atom_sites.fract_transf_matrix[1][3]   -0.00877012 
_atom_sites.fract_transf_matrix[2][1]   0.00380887 
_atom_sites.fract_transf_matrix[2][2]   0.00505215 
_atom_sites.fract_transf_matrix[2][3]   -0.02836696 
_atom_sites.fract_transf_matrix[3][1]   -0.01571623 
_atom_sites.fract_transf_matrix[3][2]   0.00846476 
_atom_sites.fract_transf_matrix[3][3]   -0.00060267 
_atom_sites.fract_transf_vector[1]      0.056207 
_atom_sites.fract_transf_vector[2]      -0.423053 
_atom_sites.fract_transf_vector[3]      -0.210359 
# 
loop_
_atom_type.symbol 
C  
MG 
N  
O  
P  
# 
loop_
_atom_site.group_PDB 
_atom_site.id 
_atom_site.type_symbol 
_atom_site.label_atom_id 
_atom_site.label_alt_id 
_atom_site.label_comp_id 
_atom_site.label_asym_id 
_atom_site.label_entity_id 
_atom_site.label_seq_id 
_atom_site.pdbx_PDB_ins_code 
_atom_site.Cartn_x 
_atom_site.Cartn_y 
_atom_site.Cartn_z 
_atom_site.occupancy 
_atom_site.B_iso_or_equiv 
_atom_site.pdbx_formal_charge 
_atom_site.auth_seq_id 
_atom_site.auth_comp_id 
_atom_site.auth_asym_id 
_atom_site.auth_atom_id 
_atom_site.pdbx_PDB_model_num 
ATOM   1   O  "O5'" . DG  A 1 1  ? -22.976 -1.002 3.361   1.00 68.65 ? 1   DG  A "O5'" 1 
ATOM   2   C  "C5'" . DG  A 1 1  ? -23.008 -1.929 4.458   1.00 65.15 ? 1   DG  A "C5'" 1 
ATOM   3   C  "C4'" . DG  A 1 1  ? -21.589 -2.325 4.782   1.00 61.95 ? 1   DG  A "C4'" 1 
ATOM   4   O  "O4'" . DG  A 1 1  ? -20.852 -2.463 3.544   1.00 58.90 ? 1   DG  A "O4'" 1 
ATOM   5   C  "C3'" . DG  A 1 1  ? -20.800 -1.314 5.597   1.00 59.68 ? 1   DG  A "C3'" 1 
ATOM   6   O  "O3'" . DG  A 1 1  ? -19.868 -2.119 6.337   1.00 61.13 ? 1   DG  A "O3'" 1 
ATOM   7   C  "C2'" . DG  A 1 1  ? -20.111 -0.497 4.519   1.00 56.89 ? 1   DG  A "C2'" 1 
ATOM   8   C  "C1'" . DG  A 1 1  ? -19.708 -1.617 3.570   1.00 54.26 ? 1   DG  A "C1'" 1 
ATOM   9   N  N9    . DG  A 1 1  ? -19.396 -1.258 2.192   1.00 50.46 ? 1   DG  A N9    1 
ATOM   10  C  C8    . DG  A 1 1  ? -18.317 -1.657 1.444   1.00 48.58 ? 1   DG  A C8    1 
ATOM   11  N  N7    . DG  A 1 1  ? -18.356 -1.216 0.214   1.00 49.18 ? 1   DG  A N7    1 
ATOM   12  C  C5    . DG  A 1 1  ? -19.543 -0.498 0.144   1.00 50.13 ? 1   DG  A C5    1 
ATOM   13  C  C6    . DG  A 1 1  ? -20.131 0.225  -0.941  1.00 51.56 ? 1   DG  A C6    1 
ATOM   14  O  O6    . DG  A 1 1  ? -19.706 0.384  -2.091  1.00 50.95 ? 1   DG  A O6    1 
ATOM   15  N  N1    . DG  A 1 1  ? -21.354 0.774  -0.584  1.00 54.69 ? 1   DG  A N1    1 
ATOM   16  C  C2    . DG  A 1 1  ? -21.925 0.680  0.657   1.00 55.70 ? 1   DG  A C2    1 
ATOM   17  N  N2    . DG  A 1 1  ? -23.088 1.307  0.808   1.00 58.99 ? 1   DG  A N2    1 
ATOM   18  N  N3    . DG  A 1 1  ? -21.378 0.044  1.681   1.00 55.85 ? 1   DG  A N3    1 
ATOM   19  C  C4    . DG  A 1 1  ? -20.196 -0.517 1.354   1.00 51.23 ? 1   DG  A C4    1 
ATOM   20  P  P     . DG  A 1 2  ? -18.868 -1.455 7.449   1.00 65.68 ? 2   DG  A P     1 
ATOM   21  O  OP1   . DG  A 1 2  ? -18.437 -2.524 8.437   1.00 65.82 ? 2   DG  A OP1   1 
ATOM   22  O  OP2   . DG  A 1 2  ? -19.470 -0.119 7.887   1.00 66.31 ? 2   DG  A OP2   1 
ATOM   23  O  "O5'" . DG  A 1 2  ? -17.549 -1.029 6.648   1.00 59.35 ? 2   DG  A "O5'" 1 
ATOM   24  C  "C5'" . DG  A 1 2  ? -16.754 -1.954 5.889   1.00 55.31 ? 2   DG  A "C5'" 1 
ATOM   25  C  "C4'" . DG  A 1 2  ? -15.771 -1.125 5.101   1.00 51.26 ? 2   DG  A "C4'" 1 
ATOM   26  O  "O4'" . DG  A 1 2  ? -16.364 -0.567 3.907   1.00 48.58 ? 2   DG  A "O4'" 1 
ATOM   27  C  "C3'" . DG  A 1 2  ? -15.162 0.061  5.853   1.00 50.28 ? 2   DG  A "C3'" 1 
ATOM   28  O  "O3'" . DG  A 1 2  ? -13.775 -0.003 5.514   1.00 51.76 ? 2   DG  A "O3'" 1 
ATOM   29  C  "C2'" . DG  A 1 2  ? -15.729 1.278  5.162   1.00 48.37 ? 2   DG  A "C2'" 1 
ATOM   30  C  "C1'" . DG  A 1 2  ? -15.921 0.765  3.760   1.00 47.16 ? 2   DG  A "C1'" 1 
ATOM   31  N  N9    . DG  A 1 2  ? -16.931 1.475  2.993   1.00 47.70 ? 2   DG  A N9    1 
ATOM   32  C  C8    . DG  A 1 2  ? -18.107 2.035  3.453   1.00 48.42 ? 2   DG  A C8    1 
ATOM   33  N  N7    . DG  A 1 2  ? -18.804 2.603  2.507   1.00 50.10 ? 2   DG  A N7    1 
ATOM   34  C  C5    . DG  A 1 2  ? -18.054 2.389  1.355   1.00 48.65 ? 2   DG  A C5    1 
ATOM   35  C  C6    . DG  A 1 2  ? -18.319 2.749  0.013   1.00 50.31 ? 2   DG  A C6    1 
ATOM   36  O  O6    . DG  A 1 2  ? -19.288 3.372  -0.438  1.00 57.40 ? 2   DG  A O6    1 
ATOM   37  N  N1    . DG  A 1 2  ? -17.300 2.335  -0.837  1.00 48.30 ? 2   DG  A N1    1 
ATOM   38  C  C2    . DG  A 1 2  ? -16.163 1.677  -0.444  1.00 44.37 ? 2   DG  A C2    1 
ATOM   39  N  N2    . DG  A 1 2  ? -15.328 1.345  -1.422  1.00 45.09 ? 2   DG  A N2    1 
ATOM   40  N  N3    . DG  A 1 2  ? -15.912 1.307  0.799   1.00 42.67 ? 2   DG  A N3    1 
ATOM   41  C  C4    . DG  A 1 2  ? -16.891 1.703  1.643   1.00 46.12 ? 2   DG  A C4    1 
ATOM   42  P  P     . DA  A 1 3  ? -12.620 0.007  6.677   1.00 52.64 ? 3   DA  A P     1 
ATOM   43  O  OP1   . DA  A 1 3  ? -13.055 -0.929 7.749   1.00 55.18 ? 3   DA  A OP1   1 
ATOM   44  O  OP2   . DA  A 1 3  ? -12.396 1.438  7.068   1.00 54.06 ? 3   DA  A OP2   1 
ATOM   45  O  "O5'" . DA  A 1 3  ? -11.392 -0.522 5.817   1.00 52.00 ? 3   DA  A "O5'" 1 
ATOM   46  C  "C5'" . DA  A 1 3  ? -11.406 -1.836 5.206   1.00 51.40 ? 3   DA  A "C5'" 1 
ATOM   47  C  "C4'" . DA  A 1 3  ? -10.093 -2.016 4.498   1.00 49.93 ? 3   DA  A "C4'" 1 
ATOM   48  O  "O4'" . DA  A 1 3  ? -10.101 -1.296 3.245   1.00 47.57 ? 3   DA  A "O4'" 1 
ATOM   49  C  "C3'" . DA  A 1 3  ? -8.899  -1.440 5.256   1.00 52.37 ? 3   DA  A "C3'" 1 
ATOM   50  O  "O3'" . DA  A 1 3  ? -7.703  -2.181 4.846   1.00 59.04 ? 3   DA  A "O3'" 1 
ATOM   51  C  "C2'" . DA  A 1 3  ? -8.875  0.005  4.775   1.00 48.67 ? 3   DA  A "C2'" 1 
ATOM   52  C  "C1'" . DA  A 1 3  ? -9.229  -0.156 3.311   1.00 46.30 ? 3   DA  A "C1'" 1 
ATOM   53  N  N9    . DA  A 1 3  ? -9.924  0.963  2.678   1.00 44.66 ? 3   DA  A N9    1 
ATOM   54  C  C8    . DA  A 1 3  ? -11.196 1.404  2.975   1.00 48.40 ? 3   DA  A C8    1 
ATOM   55  N  N7    . DA  A 1 3  ? -11.618 2.372  2.193   1.00 45.38 ? 3   DA  A N7    1 
ATOM   56  C  C5    . DA  A 1 3  ? -10.570 2.556  1.296   1.00 44.93 ? 3   DA  A C5    1 
ATOM   57  C  C6    . DA  A 1 3  ? -10.435 3.372  0.157   1.00 45.28 ? 3   DA  A C6    1 
ATOM   58  N  N6    . DA  A 1 3  ? -11.361 4.268  -0.231  1.00 47.83 ? 3   DA  A N6    1 
ATOM   59  N  N1    . DA  A 1 3  ? -9.277  3.296  -0.539  1.00 42.35 ? 3   DA  A N1    1 
ATOM   60  C  C2    . DA  A 1 3  ? -8.356  2.402  -0.149  1.00 47.02 ? 3   DA  A C2    1 
ATOM   61  N  N3    . DA  A 1 3  ? -8.403  1.521  0.851   1.00 44.10 ? 3   DA  A N3    1 
ATOM   62  C  C4    . DA  A 1 3  ? -9.544  1.654  1.550   1.00 46.55 ? 3   DA  A C4    1 
ATOM   63  P  P     . DA  A 1 4  ? -7.124  -3.500 5.700   1.00 60.44 ? 4   DA  A P     1 
ATOM   64  O  OP1   . DA  A 1 4  ? -6.103  -4.117 4.836   1.00 65.07 ? 4   DA  A OP1   1 
ATOM   65  O  OP2   . DA  A 1 4  ? -8.272  -4.309 6.164   1.00 62.76 ? 4   DA  A OP2   1 
ATOM   66  O  "O5'" . DA  A 1 4  ? -6.371  -2.772 6.914   1.00 63.28 ? 4   DA  A "O5'" 1 
ATOM   67  C  "C5'" . DA  A 1 4  ? -7.147  -2.433 8.068   1.00 63.49 ? 4   DA  A "C5'" 1 
ATOM   68  C  "C4'" . DA  A 1 4  ? -6.296  -2.228 9.294   1.00 63.05 ? 4   DA  A "C4'" 1 
ATOM   69  O  "O4'" . DA  A 1 4  ? -5.797  -3.495 9.781   1.00 62.62 ? 4   DA  A "O4'" 1 
ATOM   70  C  "C3'" . DA  A 1 4  ? -5.095  -1.321 9.073   1.00 62.84 ? 4   DA  A "C3'" 1 
ATOM   71  O  "O3'" . DA  A 1 4  ? -4.862  -0.432 10.174  1.00 69.13 ? 4   DA  A "O3'" 1 
ATOM   72  C  "C2'" . DA  A 1 4  ? -3.926  -2.273 9.027   1.00 60.76 ? 4   DA  A "C2'" 1 
ATOM   73  C  "C1'" . DA  A 1 4  ? -4.387  -3.517 9.739   1.00 61.20 ? 4   DA  A "C1'" 1 
ATOM   74  N  N9    . DA  A 1 4  ? -3.976  -4.678 8.971   1.00 58.35 ? 4   DA  A N9    1 
ATOM   75  C  C8    . DA  A 1 4  ? -4.617  -5.371 7.978   1.00 56.90 ? 4   DA  A C8    1 
ATOM   76  N  N7    . DA  A 1 4  ? -3.883  -6.304 7.430   1.00 56.50 ? 4   DA  A N7    1 
ATOM   77  C  C5    . DA  A 1 4  ? -2.673  -6.208 8.098   1.00 56.94 ? 4   DA  A C5    1 
ATOM   78  C  C6    . DA  A 1 4  ? -1.518  -6.989 8.063   1.00 59.48 ? 4   DA  A C6    1 
ATOM   79  N  N6    . DA  A 1 4  ? -1.354  -8.018 7.232   1.00 62.46 ? 4   DA  A N6    1 
ATOM   80  N  N1    . DA  A 1 4  ? -0.497  -6.647 8.884   1.00 59.48 ? 4   DA  A N1    1 
ATOM   81  C  C2    . DA  A 1 4  ? -0.665  -5.617 9.718   1.00 60.02 ? 4   DA  A C2    1 
ATOM   82  N  N3    . DA  A 1 4  ? -1.739  -4.858 9.902   1.00 58.46 ? 4   DA  A N3    1 
ATOM   83  C  C4    . DA  A 1 4  ? -2.715  -5.207 9.045   1.00 58.09 ? 4   DA  A C4    1 
ATOM   84  P  P     . DA  A 1 5  ? -4.112  0.974  9.920   1.00 74.65 ? 5   DA  A P     1 
ATOM   85  O  OP1   . DA  A 1 5  ? -4.611  1.929  10.945  1.00 81.37 ? 5   DA  A OP1   1 
ATOM   86  O  OP2   . DA  A 1 5  ? -4.174  1.324  8.443   1.00 75.70 ? 5   DA  A OP2   1 
ATOM   87  O  "O5'" . DA  A 1 5  ? -2.598  0.633  10.245  1.00 69.88 ? 5   DA  A "O5'" 1 
ATOM   88  C  "C5'" . DA  A 1 5  ? -2.123  0.613  11.586  1.00 72.93 ? 5   DA  A "C5'" 1 
ATOM   89  C  "C4'" . DA  A 1 5  ? -0.623  0.487  11.519  1.00 73.57 ? 5   DA  A "C4'" 1 
ATOM   90  O  "O4'" . DA  A 1 5  ? -0.279  -0.727 10.806  1.00 72.47 ? 5   DA  A "O4'" 1 
ATOM   91  C  "C3'" . DA  A 1 5  ? 0.086   1.615  10.767  1.00 72.57 ? 5   DA  A "C3'" 1 
ATOM   92  O  "O3'" . DA  A 1 5  ? 1.302   1.785  11.490  1.00 78.01 ? 5   DA  A "O3'" 1 
ATOM   93  C  "C2'" . DA  A 1 5  ? 0.246   1.073  9.352   1.00 67.61 ? 5   DA  A "C2'" 1 
ATOM   94  C  "C1'" . DA  A 1 5  ? 0.413   -0.427 9.590   1.00 67.51 ? 5   DA  A "C1'" 1 
ATOM   95  N  N9    . DA  A 1 5  ? -0.064  -1.352 8.545   1.00 60.17 ? 5   DA  A N9    1 
ATOM   96  C  C8    . DA  A 1 5  ? -1.175  -1.260 7.749   1.00 57.79 ? 5   DA  A C8    1 
ATOM   97  N  N7    . DA  A 1 5  ? -1.326  -2.273 6.933   1.00 56.36 ? 5   DA  A N7    1 
ATOM   98  C  C5    . DA  A 1 5  ? -0.195  -3.048 7.154   1.00 56.66 ? 5   DA  A C5    1 
ATOM   99  C  C6    . DA  A 1 5  ? 0.263   -4.241 6.571   1.00 55.61 ? 5   DA  A C6    1 
ATOM   100 N  N6    . DA  A 1 5  ? -0.400  -4.899 5.617   1.00 55.78 ? 5   DA  A N6    1 
ATOM   101 N  N1    . DA  A 1 5  ? 1.439   -4.738 7.000   1.00 59.27 ? 5   DA  A N1    1 
ATOM   102 C  C2    . DA  A 1 5  ? 2.084   -4.104 7.989   1.00 61.04 ? 5   DA  A C2    1 
ATOM   103 N  N3    . DA  A 1 5  ? 1.756   -2.977 8.615   1.00 61.47 ? 5   DA  A N3    1 
ATOM   104 C  C4    . DA  A 1 5  ? 0.585   -2.498 8.151   1.00 59.44 ? 5   DA  A C4    1 
ATOM   105 P  P     . DA  A 1 6  ? 2.428   2.819  11.007  1.00 81.25 ? 6   DA  A P     1 
ATOM   106 O  OP1   . DA  A 1 6  ? 3.038   3.402  12.266  1.00 82.23 ? 6   DA  A OP1   1 
ATOM   107 O  OP2   . DA  A 1 6  ? 1.835   3.675  9.927   1.00 78.12 ? 6   DA  A OP2   1 
ATOM   108 O  "O5'" . DA  A 1 6  ? 3.505   1.868  10.304  1.00 75.16 ? 6   DA  A "O5'" 1 
ATOM   109 C  "C5'" . DA  A 1 6  ? 4.101   0.788  11.059  1.00 76.06 ? 6   DA  A "C5'" 1 
ATOM   110 C  "C4'" . DA  A 1 6  ? 5.145   0.124  10.206  1.00 73.97 ? 6   DA  A "C4'" 1 
ATOM   111 O  "O4'" . DA  A 1 6  ? 4.506   -0.688 9.206   1.00 69.76 ? 6   DA  A "O4'" 1 
ATOM   112 C  "C3'" . DA  A 1 6  ? 5.992   1.133  9.439   1.00 74.75 ? 6   DA  A "C3'" 1 
ATOM   113 O  "O3'" . DA  A 1 6  ? 7.303   0.615  9.575   1.00 82.60 ? 6   DA  A "O3'" 1 
ATOM   114 C  "C2'" . DA  A 1 6  ? 5.416   1.108  8.036   1.00 70.95 ? 6   DA  A "C2'" 1 
ATOM   115 C  "C1'" . DA  A 1 6  ? 4.957   -0.325 7.918   1.00 66.59 ? 6   DA  A "C1'" 1 
ATOM   116 N  N9    . DA  A 1 6  ? 3.846   -0.510 7.013   1.00 59.71 ? 6   DA  A N9    1 
ATOM   117 C  C8    . DA  A 1 6  ? 2.710   0.243  6.887   1.00 58.28 ? 6   DA  A C8    1 
ATOM   118 N  N7    . DA  A 1 6  ? 1.854   -0.238 6.017   1.00 55.82 ? 6   DA  A N7    1 
ATOM   119 C  C5    . DA  A 1 6  ? 2.467   -1.397 5.557   1.00 53.15 ? 6   DA  A C5    1 
ATOM   120 C  C6    . DA  A 1 6  ? 2.061   -2.384 4.644   1.00 50.08 ? 6   DA  A C6    1 
ATOM   121 N  N6    . DA  A 1 6  ? 0.912   -2.345 3.981   1.00 49.46 ? 6   DA  A N6    1 
ATOM   122 N  N1    . DA  A 1 6  ? 2.892   -3.416 4.424   1.00 49.20 ? 6   DA  A N1    1 
ATOM   123 C  C2    . DA  A 1 6  ? 4.033   -3.470 5.108   1.00 53.49 ? 6   DA  A C2    1 
ATOM   124 N  N3    . DA  A 1 6  ? 4.513   -2.624 6.016   1.00 56.96 ? 6   DA  A N3    1 
ATOM   125 C  C4    . DA  A 1 6  ? 3.677   -1.589 6.184   1.00 55.64 ? 6   DA  A C4    1 
ATOM   126 P  P     . DT  A 1 7  ? 8.580   1.325  8.906   1.00 84.87 ? 7   DT  A P     1 
ATOM   127 O  OP1   . DT  A 1 7  ? 9.688   1.138  9.920   1.00 87.56 ? 7   DT  A OP1   1 
ATOM   128 O  OP2   . DT  A 1 7  ? 8.176   2.698  8.411   1.00 80.78 ? 7   DT  A OP2   1 
ATOM   129 O  "O5'" . DT  A 1 7  ? 8.781   0.453  7.579   1.00 77.97 ? 7   DT  A "O5'" 1 
ATOM   130 C  "C5'" . DT  A 1 7  ? 8.942   -0.968 7.718   1.00 77.57 ? 7   DT  A "C5'" 1 
ATOM   131 C  "C4'" . DT  A 1 7  ? 8.997   -1.617 6.362   1.00 74.14 ? 7   DT  A "C4'" 1 
ATOM   132 O  "O4'" . DT  A 1 7  ? 7.700   -1.541 5.739   1.00 69.07 ? 7   DT  A "O4'" 1 
ATOM   133 C  "C3'" . DT  A 1 7  ? 9.968   -0.940 5.396   1.00 72.58 ? 7   DT  A "C3'" 1 
ATOM   134 O  "O3'" . DT  A 1 7  ? 10.924  -1.938 5.030   1.00 79.61 ? 7   DT  A "O3'" 1 
ATOM   135 C  "C2'" . DT  A 1 7  ? 9.084   -0.473 4.249   1.00 68.31 ? 7   DT  A "C2'" 1 
ATOM   136 C  "C1'" . DT  A 1 7  ? 7.908   -1.412 4.351   1.00 63.94 ? 7   DT  A "C1'" 1 
ATOM   137 N  N1    . DT  A 1 7  ? 6.674   -0.911 3.799   1.00 58.88 ? 7   DT  A N1    1 
ATOM   138 C  C2    . DT  A 1 7  ? 5.937   -1.705 2.952   1.00 55.88 ? 7   DT  A C2    1 
ATOM   139 O  O2    . DT  A 1 7  ? 6.322   -2.788 2.547   1.00 61.46 ? 7   DT  A O2    1 
ATOM   140 N  N3    . DT  A 1 7  ? 4.724   -1.184 2.597   1.00 53.10 ? 7   DT  A N3    1 
ATOM   141 C  C4    . DT  A 1 7  ? 4.196   0.031  2.981   1.00 51.89 ? 7   DT  A C4    1 
ATOM   142 O  O4    . DT  A 1 7  ? 3.115   0.390  2.531   1.00 54.24 ? 7   DT  A O4    1 
ATOM   143 C  C5    . DT  A 1 7  ? 5.035   0.816  3.867   1.00 53.33 ? 7   DT  A C5    1 
ATOM   144 C  C7    . DT  A 1 7  ? 4.572   2.162  4.316   1.00 54.24 ? 7   DT  A C7    1 
ATOM   145 C  C6    . DT  A 1 7  ? 6.189   0.288  4.264   1.00 55.71 ? 7   DT  A C6    1 
ATOM   146 P  P     . DT  A 1 8  ? 12.106  -1.608 3.973   1.00 80.84 ? 8   DT  A P     1 
ATOM   147 O  OP1   . DT  A 1 8  ? 13.338  -2.305 4.438   1.00 91.66 ? 8   DT  A OP1   1 
ATOM   148 O  OP2   . DT  A 1 8  ? 12.114  -0.122 3.717   1.00 75.79 ? 8   DT  A OP2   1 
ATOM   149 O  "O5'" . DT  A 1 8  ? 11.676  -2.445 2.683   1.00 78.38 ? 8   DT  A "O5'" 1 
ATOM   150 C  "C5'" . DT  A 1 8  ? 10.938  -3.680 2.789   1.00 76.30 ? 8   DT  A "C5'" 1 
ATOM   151 C  "C4'" . DT  A 1 8  ? 10.369  -4.036 1.439   1.00 72.29 ? 8   DT  A "C4'" 1 
ATOM   152 O  "O4'" . DT  A 1 8  ? 9.130   -3.335 1.193   1.00 69.27 ? 8   DT  A "O4'" 1 
ATOM   153 C  "C3'" . DT  A 1 8  ? 11.269  -3.720 0.243   1.00 71.76 ? 8   DT  A "C3'" 1 
ATOM   154 O  "O3'" . DT  A 1 8  ? 11.207  -4.919 -0.532  1.00 76.00 ? 8   DT  A "O3'" 1 
ATOM   155 C  "C2'" . DT  A 1 8  ? 10.610  -2.516 -0.425  1.00 67.26 ? 8   DT  A "C2'" 1 
ATOM   156 C  "C1'" . DT  A 1 8  ? 9.143   -2.733 -0.110  1.00 64.06 ? 8   DT  A "C1'" 1 
ATOM   157 N  N1    . DT  A 1 8  ? 8.255   -1.539 -0.057  1.00 58.44 ? 8   DT  A N1    1 
ATOM   158 C  C2    . DT  A 1 8  ? 7.042   -1.624 -0.695  1.00 53.90 ? 8   DT  A C2    1 
ATOM   159 O  O2    . DT  A 1 8  ? 6.687   -2.607 -1.325  1.00 57.02 ? 8   DT  A O2    1 
ATOM   160 N  N3    . DT  A 1 8  ? 6.223   -0.541 -0.513  1.00 51.44 ? 8   DT  A N3    1 
ATOM   161 C  C4    . DT  A 1 8  ? 6.495   0.601  0.210   1.00 51.77 ? 8   DT  A C4    1 
ATOM   162 O  O4    . DT  A 1 8  ? 5.649   1.499  0.273   1.00 54.50 ? 8   DT  A O4    1 
ATOM   163 C  C5    . DT  A 1 8  ? 7.792   0.631  0.847   1.00 53.87 ? 8   DT  A C5    1 
ATOM   164 C  C7    . DT  A 1 8  ? 8.188   1.833  1.643   1.00 56.49 ? 8   DT  A C7    1 
ATOM   165 C  C6    . DT  A 1 8  ? 8.588   -0.435 0.702   1.00 57.68 ? 8   DT  A C6    1 
ATOM   166 P  P     . DT  A 1 9  ? 12.218  -5.199 -1.754  1.00 80.69 ? 9   DT  A P     1 
ATOM   167 O  OP1   . DT  A 1 9  ? 12.376  -6.686 -1.813  1.00 84.21 ? 9   DT  A OP1   1 
ATOM   168 O  OP2   . DT  A 1 9  ? 13.402  -4.251 -1.672  1.00 79.87 ? 9   DT  A OP2   1 
ATOM   169 O  "O5'" . DT  A 1 9  ? 11.371  -4.759 -3.020  1.00 72.43 ? 9   DT  A "O5'" 1 
ATOM   170 C  "C5'" . DT  A 1 9  ? 10.189  -5.478 -3.375  1.00 70.45 ? 9   DT  A "C5'" 1 
ATOM   171 C  "C4'" . DT  A 1 9  ? 9.442   -4.714 -4.438  1.00 66.77 ? 9   DT  A "C4'" 1 
ATOM   172 O  "O4'" . DT  A 1 9  ? 8.789   -3.585 -3.852  1.00 65.99 ? 9   DT  A "O4'" 1 
ATOM   173 C  "C3'" . DT  A 1 9  ? 10.302  -4.123 -5.548  1.00 67.18 ? 9   DT  A "C3'" 1 
ATOM   174 O  "O3'" . DT  A 1 9  ? 10.355  -5.128 -6.574  1.00 69.25 ? 9   DT  A "O3'" 1 
ATOM   175 C  "C2'" . DT  A 1 9  ? 9.592   -2.816 -5.909  1.00 64.69 ? 9   DT  A "C2'" 1 
ATOM   176 C  "C1'" . DT  A 1 9  ? 8.469   -2.676 -4.889  1.00 60.52 ? 9   DT  A "C1'" 1 
ATOM   177 N  N1    . DT  A 1 9  ? 8.355   -1.357 -4.263  1.00 55.49 ? 9   DT  A N1    1 
ATOM   178 C  C2    . DT  A 1 9  ? 7.141   -0.713 -4.294  1.00 50.80 ? 9   DT  A C2    1 
ATOM   179 O  O2    . DT  A 1 9  ? 6.179   -1.133 -4.925  1.00 46.98 ? 9   DT  A O2    1 
ATOM   180 N  N3    . DT  A 1 9  ? 7.120   0.493  -3.630  1.00 49.48 ? 9   DT  A N3    1 
ATOM   181 C  C4    . DT  A 1 9  ? 8.154   1.068  -2.906  1.00 51.96 ? 9   DT  A C4    1 
ATOM   182 O  O4    . DT  A 1 9  ? 7.985   2.152  -2.352  1.00 53.66 ? 9   DT  A O4    1 
ATOM   183 C  C5    . DT  A 1 9  ? 9.390   0.311  -2.886  1.00 54.62 ? 9   DT  A C5    1 
ATOM   184 C  C7    . DT  A 1 9  ? 10.570  0.861  -2.146  1.00 54.83 ? 9   DT  A C7    1 
ATOM   185 C  C6    . DT  A 1 9  ? 9.422   -0.853 -3.545  1.00 56.05 ? 9   DT  A C6    1 
ATOM   186 P  P     . DG  A 1 10 ? 11.429  -5.020 -7.716  1.00 72.78 ? 10  DG  A P     1 
ATOM   187 O  OP1   . DG  A 1 10 ? 11.651  -6.375 -8.287  1.00 77.29 ? 10  DG  A OP1   1 
ATOM   188 O  OP2   . DG  A 1 10 ? 12.543  -4.169 -7.203  1.00 72.41 ? 10  DG  A OP2   1 
ATOM   189 O  "O5'" . DG  A 1 10 ? 10.634  -4.260 -8.874  1.00 70.39 ? 10  DG  A "O5'" 1 
ATOM   190 C  "C5'" . DG  A 1 10 ? 9.375   -4.772 -9.325  1.00 68.12 ? 10  DG  A "C5'" 1 
ATOM   191 C  "C4'" . DG  A 1 10 ? 8.652   -3.717 -10.123 1.00 68.29 ? 10  DG  A "C4'" 1 
ATOM   192 O  "O4'" . DG  A 1 10 ? 8.323   -2.583 -9.288  1.00 64.17 ? 10  DG  A "O4'" 1 
ATOM   193 C  "C3'" . DG  A 1 10 ? 9.454   -3.144 -11.291 1.00 69.33 ? 10  DG  A "C3'" 1 
ATOM   194 O  "O3'" . DG  A 1 10 ? 8.479   -2.794 -12.279 1.00 70.84 ? 10  DG  A "O3'" 1 
ATOM   195 C  "C2'" . DG  A 1 10 ? 10.137  -1.950 -10.658 1.00 65.60 ? 10  DG  A "C2'" 1 
ATOM   196 C  "C1'" . DG  A 1 10 ? 9.019   -1.446 -9.776  1.00 61.24 ? 10  DG  A "C1'" 1 
ATOM   197 N  N9    . DG  A 1 10 ? 9.390   -0.619 -8.637  1.00 57.72 ? 10  DG  A N9    1 
ATOM   198 C  C8    . DG  A 1 10 ? 10.595  -0.459 -7.985  1.00 55.94 ? 10  DG  A C8    1 
ATOM   199 N  N7    . DG  A 1 10 ? 10.531  0.405  -7.004  1.00 53.64 ? 10  DG  A N7    1 
ATOM   200 C  C5    . DG  A 1 10 ? 9.225   0.882  -7.058  1.00 51.85 ? 10  DG  A C5    1 
ATOM   201 C  C6    . DG  A 1 10 ? 8.566   1.874  -6.277  1.00 49.43 ? 10  DG  A C6    1 
ATOM   202 O  O6    . DG  A 1 10 ? 9.033   2.601  -5.391  1.00 50.62 ? 10  DG  A O6    1 
ATOM   203 N  N1    . DG  A 1 10 ? 7.241   2.028  -6.668  1.00 47.24 ? 10  DG  A N1    1 
ATOM   204 C  C2    . DG  A 1 10 ? 6.636   1.344  -7.693  1.00 49.58 ? 10  DG  A C2    1 
ATOM   205 N  N2    . DG  A 1 10 ? 5.353   1.629  -7.920  1.00 50.15 ? 10  DG  A N2    1 
ATOM   206 N  N3    . DG  A 1 10 ? 7.235   0.424  -8.424  1.00 52.63 ? 10  DG  A N3    1 
ATOM   207 C  C4    . DG  A 1 10 ? 8.518   0.257  -8.065  1.00 51.79 ? 10  DG  A C4    1 
ATOM   208 P  P     . DG  A 1 11 ? 8.912   -2.235 -13.723 1.00 76.19 ? 11  DG  A P     1 
ATOM   209 O  OP1   . DG  A 1 11 ? 8.203   -3.044 -14.758 1.00 79.15 ? 11  DG  A OP1   1 
ATOM   210 O  OP2   . DG  A 1 11 ? 10.428  -2.201 -13.814 1.00 77.17 ? 11  DG  A OP2   1 
ATOM   211 O  "O5'" . DG  A 1 11 ? 8.322   -0.742 -13.673 1.00 69.06 ? 11  DG  A "O5'" 1 
ATOM   212 C  "C5'" . DG  A 1 11 ? 7.208   -0.278 -12.876 1.00 62.36 ? 11  DG  A "C5'" 1 
ATOM   213 C  "C4'" . DG  A 1 11 ? 7.223   1.238  -12.837 1.00 58.40 ? 11  DG  A "C4'" 1 
ATOM   214 O  "O4'" . DG  A 1 11 ? 8.163   1.694  -11.833 1.00 55.93 ? 11  DG  A "O4'" 1 
ATOM   215 C  "C3'" . DG  A 1 11 ? 7.646   1.942  -14.129 1.00 59.90 ? 11  DG  A "C3'" 1 
ATOM   216 O  "O3'" . DG  A 1 11 ? 7.092   3.264  -14.242 1.00 60.93 ? 11  DG  A "O3'" 1 
ATOM   217 C  "C2'" . DG  A 1 11 ? 9.136   2.145  -13.947 1.00 58.91 ? 11  DG  A "C2'" 1 
ATOM   218 C  "C1'" . DG  A 1 11 ? 9.264   2.339  -12.445 1.00 55.40 ? 11  DG  A "C1'" 1 
ATOM   219 N  N9    . DG  A 1 11 ? 10.491  1.836  -11.824 1.00 54.38 ? 11  DG  A N9    1 
ATOM   220 C  C8    . DG  A 1 11 ? 11.447  0.990  -12.345 1.00 54.48 ? 11  DG  A C8    1 
ATOM   221 N  N7    . DG  A 1 11 ? 12.460  0.810  -11.541 1.00 55.99 ? 11  DG  A N7    1 
ATOM   222 C  C5    . DG  A 1 11 ? 12.153  1.582  -10.426 1.00 54.25 ? 11  DG  A C5    1 
ATOM   223 C  C6    . DG  A 1 11 ? 12.881  1.790  -9.226  1.00 56.09 ? 11  DG  A C6    1 
ATOM   224 O  O6    . DG  A 1 11 ? 13.970  1.301  -8.894  1.00 62.31 ? 11  DG  A O6    1 
ATOM   225 N  N1    . DG  A 1 11 ? 12.226  2.678  -8.375  1.00 52.19 ? 11  DG  A N1    1 
ATOM   226 C  C2    . DG  A 1 11 ? 11.026  3.295  -8.651  1.00 52.03 ? 11  DG  A C2    1 
ATOM   227 N  N2    . DG  A 1 11 ? 10.550  4.114  -7.706  1.00 50.82 ? 11  DG  A N2    1 
ATOM   228 N  N3    . DG  A 1 11 ? 10.328  3.096  -9.758  1.00 49.96 ? 11  DG  A N3    1 
ATOM   229 C  C4    . DG  A 1 11 ? 10.948  2.230  -10.595 1.00 52.54 ? 11  DG  A C4    1 
ATOM   230 P  P     . DA  A 1 12 ? 6.524   3.845  -15.648 1.00 62.42 ? 12  DA  A P     1 
ATOM   231 O  OP1   . DA  A 1 12 ? 5.886   2.713  -16.374 1.00 66.43 ? 12  DA  A OP1   1 
ATOM   232 O  OP2   . DA  A 1 12 ? 7.579   4.695  -16.343 1.00 63.75 ? 12  DA  A OP2   1 
ATOM   233 O  "O5'" . DA  A 1 12 ? 5.312   4.729  -15.138 1.00 64.48 ? 12  DA  A "O5'" 1 
ATOM   234 C  "C5'" . DA  A 1 12 ? 4.411   4.189  -14.158 1.00 63.55 ? 12  DA  A "C5'" 1 
ATOM   235 C  "C4'" . DA  A 1 12 ? 3.782   5.305  -13.364 1.00 61.73 ? 12  DA  A "C4'" 1 
ATOM   236 O  "O4'" . DA  A 1 12 ? 4.624   5.711  -12.264 1.00 57.56 ? 12  DA  A "O4'" 1 
ATOM   237 C  "C3'" . DA  A 1 12 ? 3.502   6.568  -14.155 1.00 65.88 ? 12  DA  A "C3'" 1 
ATOM   238 O  "O3'" . DA  A 1 12 ? 2.314   7.083  -13.544 1.00 78.05 ? 12  DA  A "O3'" 1 
ATOM   239 C  "C2'" . DA  A 1 12 ? 4.714   7.433  -13.870 1.00 64.42 ? 12  DA  A "C2'" 1 
ATOM   240 C  "C1'" . DA  A 1 12 ? 5.030   7.064  -12.434 1.00 58.89 ? 12  DA  A "C1'" 1 
ATOM   241 N  N9    . DA  A 1 12 ? 6.429   7.150  -12.019 1.00 55.89 ? 12  DA  A N9    1 
ATOM   242 C  C8    . DA  A 1 12 ? 7.465   6.275  -12.253 1.00 53.64 ? 12  DA  A C8    1 
ATOM   243 N  N7    . DA  A 1 12 ? 8.576   6.595  -11.632 1.00 53.23 ? 12  DA  A N7    1 
ATOM   244 C  C5    . DA  A 1 12 ? 8.251   7.751  -10.938 1.00 53.32 ? 12  DA  A C5    1 
ATOM   245 C  C6    . DA  A 1 12 ? 8.987   8.578  -10.080 1.00 54.69 ? 12  DA  A C6    1 
ATOM   246 N  N6    . DA  A 1 12 ? 10.276  8.390  -9.800  1.00 56.35 ? 12  DA  A N6    1 
ATOM   247 N  N1    . DA  A 1 12 ? 8.375   9.688  -9.599  1.00 56.65 ? 12  DA  A N1    1 
ATOM   248 C  C2    . DA  A 1 12 ? 7.081   9.880  -9.883  1.00 55.88 ? 12  DA  A C2    1 
ATOM   249 N  N3    . DA  A 1 12 ? 6.260   9.127  -10.611 1.00 53.55 ? 12  DA  A N3    1 
ATOM   250 C  C4    . DA  A 1 12 ? 6.922   8.088  -11.146 1.00 54.78 ? 12  DA  A C4    1 
ATOM   251 P  P     . DG  A 1 13 ? 1.036   7.632  -14.435 1.00 86.53 ? 13  DG  A P     1 
ATOM   252 O  OP1   . DG  A 1 13 ? -0.049  7.914  -13.423 1.00 81.09 ? 13  DG  A OP1   1 
ATOM   253 O  OP2   . DG  A 1 13 ? 0.790   6.664  -15.579 1.00 81.46 ? 13  DG  A OP2   1 
ATOM   254 O  "O5'" . DG  A 1 13 ? 1.618   8.964  -15.106 1.00 81.63 ? 13  DG  A "O5'" 1 
HETATM 255 MG MG    . MG  B 2 .  ? -14.527 1.569  10.571  1.00 73.98 ? 101 MG  A MG    1 
HETATM 256 MG MG    . MG  C 2 .  ? -13.511 -3.098 2.498   1.00 62.85 ? 102 MG  A MG    1 
HETATM 257 O  O     . HOH D 3 .  ? 7.174   7.289  -16.528 1.00 45.79 ? 201 HOH A O     1 
HETATM 258 O  O     . HOH D 3 .  ? 7.286   -5.353 2.737   0.50 52.33 ? 202 HOH A O     1 
HETATM 259 O  O     . HOH D 3 .  ? -22.486 2.461  -2.631  1.00 63.93 ? 203 HOH A O     1 
HETATM 260 O  O     . HOH D 3 .  ? -8.367  4.388  -2.793  1.00 46.11 ? 204 HOH A O     1 
HETATM 261 O  O     . HOH D 3 .  ? 5.471   4.131  0.911   1.00 53.91 ? 205 HOH A O     1 
HETATM 262 O  O     . HOH D 3 .  ? -13.182 3.090  10.980  1.00 77.03 ? 206 HOH A O     1 
HETATM 263 O  O     . HOH D 3 .  ? -15.515 2.065  8.977   1.00 58.83 ? 207 HOH A O     1 
HETATM 264 O  O     . HOH D 3 .  ? 9.875   5.498  -15.509 1.00 47.43 ? 208 HOH A O     1 
HETATM 265 O  O     . HOH D 3 .  ? -14.181 -4.274 4.566   1.00 50.49 ? 209 HOH A O     1 
# 
loop_
_atom_site_anisotrop.id 
_atom_site_anisotrop.type_symbol 
_atom_site_anisotrop.pdbx_label_atom_id 
_atom_site_anisotrop.pdbx_label_alt_id 
_atom_site_anisotrop.pdbx_label_comp_id 
_atom_site_anisotrop.pdbx_label_asym_id 
_atom_site_anisotrop.pdbx_label_seq_id 
_atom_site_anisotrop.pdbx_PDB_ins_code 
_atom_site_anisotrop.U[1][1] 
_atom_site_anisotrop.U[2][2] 
_atom_site_anisotrop.U[3][3] 
_atom_site_anisotrop.U[1][2] 
_atom_site_anisotrop.U[1][3] 
_atom_site_anisotrop.U[2][3] 
_atom_site_anisotrop.pdbx_auth_seq_id 
_atom_site_anisotrop.pdbx_auth_comp_id 
_atom_site_anisotrop.pdbx_auth_asym_id 
_atom_site_anisotrop.pdbx_auth_atom_id 
1   O "O5'" . DG A 1  ? 0.6504 0.8872 1.0709 0.0022  -0.0201 0.0081  1  DG A "O5'" 
2   C "C5'" . DG A 1  ? 0.5861 0.8624 1.0270 -0.0086 -0.0104 0.0354  1  DG A "C5'" 
3   C "C4'" . DG A 1  ? 0.5614 0.8076 0.9847 -0.0100 -0.0047 0.0416  1  DG A "C4'" 
4   O "O4'" . DG A 1  ? 0.5522 0.7260 0.9597 -0.0141 -0.0143 0.0256  1  DG A "O4'" 
5   C "C3'" . DG A 1  ? 0.5361 0.8033 0.9283 0.0075  0.0039  0.0260  1  DG A "C3'" 
6   O "O3'" . DG A 1  ? 0.5492 0.8311 0.9425 0.0015  0.0117  0.0515  1  DG A "O3'" 
7   C "C2'" . DG A 1  ? 0.5318 0.7331 0.8966 0.0152  -0.0043 -0.0031 1  DG A "C2'" 
8   C "C1'" . DG A 1  ? 0.5134 0.6632 0.8851 -0.0003 -0.0119 0.0085  1  DG A "C1'" 
9   N N9    . DG A 1  ? 0.4890 0.5847 0.8436 0.0013  -0.0230 -0.0114 1  DG A N9    
10  C C8    . DG A 1  ? 0.4868 0.5333 0.8258 -0.0023 -0.0262 -0.0160 1  DG A C8    
11  N N7    . DG A 1  ? 0.5074 0.5277 0.8334 0.0003  -0.0365 -0.0323 1  DG A N7    
12  C C5    . DG A 1  ? 0.5053 0.5572 0.8423 0.0063  -0.0405 -0.0353 1  DG A C5    
13  C C6    . DG A 1  ? 0.5232 0.5778 0.8579 0.0134  -0.0508 -0.0432 1  DG A C6    
14  O O6    . DG A 1  ? 0.5276 0.5614 0.8470 0.0143  -0.0591 -0.0497 1  DG A O6    
15  N N1    . DG A 1  ? 0.5420 0.6387 0.8972 0.0212  -0.0500 -0.0388 1  DG A N1    
16  C C2    . DG A 1  ? 0.5369 0.6705 0.9090 0.0222  -0.0402 -0.0319 1  DG A C2    
17  N N2    . DG A 1  ? 0.5582 0.7334 0.9498 0.0333  -0.0394 -0.0299 1  DG A N2    
18  N N3    . DG A 1  ? 0.5374 0.6761 0.9087 0.0151  -0.0310 -0.0243 1  DG A N3    
19  C C4    . DG A 1  ? 0.4988 0.5943 0.8534 0.0076  -0.0319 -0.0248 1  DG A C4    
20  P P     . DG A 2  ? 0.6009 0.9286 0.9661 0.0124  0.0216  0.0431  2  DG A P     
21  O OP1   . DG A 2  ? 0.5785 0.9611 0.9612 0.0059  0.0312  0.0883  2  DG A OP1   
22  O OP2   . DG A 2  ? 0.6003 0.9657 0.9535 0.0267  0.0251  0.0067  2  DG A OP2   
23  O "O5'" . DG A 2  ? 0.5542 0.8112 0.8895 0.0149  0.0159  0.0211  2  DG A "O5'" 
24  C "C5'" . DG A 2  ? 0.5211 0.7211 0.8595 0.0071  0.0120  0.0381  2  DG A "C5'" 
25  C "C4'" . DG A 2  ? 0.4979 0.6448 0.8048 0.0130  0.0063  0.0094  2  DG A "C4'" 
26  O "O4'" . DG A 2  ? 0.4805 0.5809 0.7845 0.0152  -0.0039 -0.0124 2  DG A "O4'" 
27  C "C3'" . DG A 2  ? 0.4826 0.6619 0.7658 0.0205  0.0110  -0.0151 2  DG A "C3'" 
28  O "O3'" . DG A 2  ? 0.5177 0.6661 0.7827 0.0191  0.0098  -0.0141 2  DG A "O3'" 
29  C "C2'" . DG A 2  ? 0.4708 0.6172 0.7499 0.0284  0.0057  -0.0481 2  DG A "C2'" 
30  C "C1'" . DG A 2  ? 0.4738 0.5609 0.7571 0.0249  -0.0046 -0.0396 2  DG A "C1'" 
31  N N9    . DG A 2  ? 0.4828 0.5546 0.7749 0.0316  -0.0109 -0.0526 2  DG A N9    
32  C C8    . DG A 2  ? 0.4741 0.5824 0.7833 0.0396  -0.0076 -0.0599 2  DG A C8    
33  N N7    . DG A 2  ? 0.4990 0.5874 0.8172 0.0470  -0.0143 -0.0650 2  DG A N7    
34  C C5    . DG A 2  ? 0.5012 0.5424 0.8048 0.0422  -0.0233 -0.0613 2  DG A C5    
35  C C6    . DG A 2  ? 0.5297 0.5479 0.8340 0.0466  -0.0333 -0.0597 2  DG A C6    
36  O O6    . DG A 2  ? 0.6090 0.6418 0.9301 0.0566  -0.0366 -0.0577 2  DG A O6    
37  N N1    . DG A 2  ? 0.5222 0.5066 0.8063 0.0401  -0.0390 -0.0576 2  DG A N1    
38  C C2    . DG A 2  ? 0.4828 0.4514 0.7516 0.0324  -0.0347 -0.0566 2  DG A C2    
39  N N2    . DG A 2  ? 0.5068 0.4473 0.7594 0.0295  -0.0398 -0.0559 2  DG A N2    
40  N N3    . DG A 2  ? 0.4535 0.4431 0.7247 0.0288  -0.0255 -0.0533 2  DG A N3    
41  C C4    . DG A 2  ? 0.4792 0.5069 0.7664 0.0333  -0.0207 -0.0562 2  DG A C4    
42  P P     . DA A 3  ? 0.5131 0.7221 0.7649 0.0178  0.0177  -0.0064 3  DA A P     
43  O OP1   . DA A 3  ? 0.5146 0.7957 0.7863 0.0162  0.0260  0.0298  3  DA A OP1   
44  O OP2   . DA A 3  ? 0.5308 0.7574 0.7658 0.0193  0.0185  -0.0492 3  DA A OP2   
45  O "O5'" . DA A 3  ? 0.5257 0.6810 0.7690 0.0169  0.0146  0.0072  3  DA A "O5'" 
46  C "C5'" . DA A 3  ? 0.5237 0.6422 0.7871 0.0162  0.0151  0.0371  3  DA A "C5'" 
47  C "C4'" . DA A 3  ? 0.5226 0.6018 0.7727 0.0190  0.0142  0.0392  3  DA A "C4'" 
48  O "O4'" . DA A 3  ? 0.5176 0.5390 0.7507 0.0198  0.0048  0.0099  3  DA A "O4'" 
49  C "C3'" . DA A 3  ? 0.5445 0.6706 0.7747 0.0196  0.0175  0.0386  3  DA A "C3'" 
50  O "O3'" . DA A 3  ? 0.6348 0.7421 0.8662 0.0244  0.0211  0.0611  3  DA A "O3'" 
51  C "C2'" . DA A 3  ? 0.5133 0.6141 0.7218 0.0171  0.0101  -0.0031 3  DA A "C2'" 
52  C "C1'" . DA A 3  ? 0.5073 0.5349 0.7170 0.0201  0.0031  -0.0090 3  DA A "C1'" 
53  N N9    . DA A 3  ? 0.4973 0.4968 0.7030 0.0208  -0.0037 -0.0362 3  DA A N9    
54  C C8    . DA A 3  ? 0.5364 0.5487 0.7540 0.0222  -0.0045 -0.0482 3  DA A C8    
55  N N7    . DA A 3  ? 0.5084 0.4891 0.7269 0.0264  -0.0097 -0.0655 3  DA A N7    
56  C C5    . DA A 3  ? 0.5185 0.4652 0.7235 0.0262  -0.0133 -0.0632 3  DA A C5    
57  C C6    . DA A 3  ? 0.5351 0.4468 0.7385 0.0302  -0.0191 -0.0675 3  DA A C6    
58  N N6    . DA A 3  ? 0.5657 0.4671 0.7846 0.0367  -0.0215 -0.0749 3  DA A N6    
59  N N1    . DA A 3  ? 0.5085 0.4030 0.6977 0.0290  -0.0208 -0.0596 3  DA A N1    
60  C C2    . DA A 3  ? 0.5670 0.4740 0.7454 0.0258  -0.0169 -0.0494 3  DA A C2    
61  N N3    . DA A 3  ? 0.5189 0.4550 0.7015 0.0237  -0.0111 -0.0408 3  DA A N3    
62  C C4    . DA A 3  ? 0.5387 0.4955 0.7344 0.0230  -0.0100 -0.0474 3  DA A C4    
63  P P     . DA A 4  ? 0.6273 0.7824 0.8868 0.0306  0.0336  0.1142  4  DA A P     
64  O OP1   . DA A 4  ? 0.7004 0.8081 0.9639 0.0391  0.0366  0.1248  4  DA A OP1   
65  O OP2   . DA A 4  ? 0.6407 0.8095 0.9344 0.0289  0.0385  0.1383  4  DA A OP2   
66  O "O5'" . DA A 4  ? 0.6389 0.8872 0.8784 0.0273  0.0351  0.1155  4  DA A "O5'" 
67  C "C5'" . DA A 4  ? 0.6158 0.9403 0.8562 0.0222  0.0371  0.1134  4  DA A "C5'" 
68  C "C4'" . DA A 4  ? 0.5774 1.0107 0.8076 0.0200  0.0414  0.1269  4  DA A "C4'" 
69  O "O4'" . DA A 4  ? 0.5470 1.0260 0.8062 0.0297  0.0517  0.1914  4  DA A "O4'" 
70  C "C3'" . DA A 4  ? 0.5836 1.0182 0.7856 0.0135  0.0356  0.0964  4  DA A "C3'" 
71  O "O3'" . DA A 4  ? 0.6374 1.1682 0.8212 0.0023  0.0348  0.0687  4  DA A "O3'" 
72  C "C2'" . DA A 4  ? 0.5474 0.9995 0.7616 0.0229  0.0416  0.1453  4  DA A "C2'" 
73  C "C1'" . DA A 4  ? 0.5251 1.0255 0.7748 0.0330  0.0525  0.2042  4  DA A "C1'" 
74  N N9    . DA A 4  ? 0.5006 0.9351 0.7813 0.0472  0.0598  0.2435  4  DA A N9    
75  C C8    . DA A 4  ? 0.5075 0.8419 0.8125 0.0521  0.0616  0.2434  4  DA A C8    
76  N N7    . DA A 4  ? 0.5072 0.8010 0.8386 0.0655  0.0702  0.2725  4  DA A N7    
77  C C5    . DA A 4  ? 0.4887 0.8624 0.8122 0.0714  0.0740  0.2995  4  DA A C5    
78  C C6    . DA A 4  ? 0.5080 0.8961 0.8559 0.0886  0.0851  0.3434  4  DA A C6    
79  N N6    . DA A 4  ? 0.5597 0.8676 0.9458 0.1042  0.0957  0.3605  4  DA A N6    
80  N N1    . DA A 4  ? 0.4785 0.9699 0.8117 0.0896  0.0852  0.3651  4  DA A N1    
81  C C2    . DA A 4  ? 0.4697 1.0437 0.7672 0.0720  0.0754  0.3384  4  DA A C2    
82  N N3    . DA A 4  ? 0.4589 1.0269 0.7352 0.0563  0.0667  0.2950  4  DA A N3    
83  C C4    . DA A 4  ? 0.4841 0.9478 0.7751 0.0582  0.0667  0.2806  4  DA A C4    
84  P P     . DA A 5  ? 0.7200 1.2360 0.8803 -0.0127 0.0270  0.0107  5  DA A P     
85  O OP1   . DA A 5  ? 0.7836 1.3724 0.9355 -0.0241 0.0276  -0.0364 5  DA A OP1   
86  O OP2   . DA A 5  ? 0.7750 1.1662 0.9350 -0.0103 0.0211  -0.0062 5  DA A OP2   
87  O "O5'" . DA A 5  ? 0.6398 1.2208 0.7947 -0.0152 0.0279  0.0396  5  DA A "O5'" 
88  C "C5'" . DA A 5  ? 0.6341 1.3534 0.7834 -0.0222 0.0307  0.0489  5  DA A "C5'" 
89  C "C4'" . DA A 5  ? 0.6313 1.3881 0.7760 -0.0254 0.0291  0.0699  5  DA A "C4'" 
90  O "O4'" . DA A 5  ? 0.6284 1.3326 0.7924 -0.0044 0.0349  0.1303  5  DA A "O4'" 
91  C "C3'" . DA A 5  ? 0.6427 1.3398 0.7746 -0.0420 0.0205  0.0199  5  DA A "C3'" 
92  O "O3'" . DA A 5  ? 0.6778 1.4842 0.8022 -0.0549 0.0186  0.0243  5  DA A "O3'" 
93  C "C2'" . DA A 5  ? 0.6169 1.1953 0.7567 -0.0265 0.0209  0.0461  5  DA A "C2'" 
94  C "C1'" . DA A 5  ? 0.5983 1.2105 0.7564 -0.0046 0.0304  0.1159  5  DA A "C1'" 
95  N N9    . DA A 5  ? 0.5339 1.0426 0.7097 0.0147  0.0352  0.1423  5  DA A N9    
96  C C8    . DA A 5  ? 0.5347 0.9483 0.7126 0.0168  0.0326  0.1188  5  DA A C8    
97  N N7    . DA A 5  ? 0.5328 0.8787 0.7298 0.0327  0.0379  0.1461  5  DA A N7    
98  C C5    . DA A 5  ? 0.5176 0.9070 0.7281 0.0446  0.0461  0.1905  5  DA A C5    
99  C C6    . DA A 5  ? 0.5081 0.8582 0.7467 0.0652  0.0568  0.2297  5  DA A C6    
100 N N6    . DA A 5  ? 0.5353 0.7926 0.7917 0.0741  0.0600  0.2243  5  DA A N6    
101 N N1    . DA A 5  ? 0.5287 0.9431 0.7802 0.0766  0.0648  0.2721  5  DA A N1    
102 C C2    . DA A 5  ? 0.5211 1.0426 0.7555 0.0650  0.0605  0.2756  5  DA A C2    
103 N N3    . DA A 5  ? 0.5199 1.0897 0.7259 0.0421  0.0499  0.2344  5  DA A N3    
104 C C4    . DA A 5  ? 0.5225 1.0164 0.7194 0.0343  0.0439  0.1928  5  DA A C4    
105 P P     . DA A 6  ? 0.7270 1.5155 0.8447 -0.0772 0.0105  -0.0143 6  DA A P     
106 O OP1   . DA A 6  ? 0.6948 1.6258 0.8038 -0.1016 0.0071  -0.0445 6  DA A OP1   
107 O OP2   . DA A 6  ? 0.7305 1.3855 0.8522 -0.0816 0.0070  -0.0565 6  DA A OP2   
108 O "O5'" . DA A 6  ? 0.6525 1.4265 0.7766 -0.0598 0.0134  0.0480  6  DA A "O5'" 
109 C "C5'" . DA A 6  ? 0.6258 1.5066 0.7575 -0.0452 0.0199  0.1103  6  DA A "C5'" 
110 C "C4'" . DA A 6  ? 0.6076 1.4538 0.7493 -0.0284 0.0236  0.1557  6  DA A "C4'" 
111 O "O4'" . DA A 6  ? 0.5890 1.3174 0.7443 -0.0034 0.0307  0.1790  6  DA A "O4'" 
112 C "C3'" . DA A 6  ? 0.6340 1.4401 0.7660 -0.0481 0.0152  0.1179  6  DA A "C3'" 
113 O "O3'" . DA A 6  ? 0.7053 1.5893 0.8438 -0.0412 0.0181  0.1631  6  DA A "O3'" 
114 C "C2'" . DA A 6  ? 0.6346 1.2925 0.7686 -0.0353 0.0161  0.1089  6  DA A "C2'" 
115 C "C1'" . DA A 6  ? 0.5820 1.2165 0.7317 -0.0032 0.0274  0.1616  6  DA A "C1'" 
116 N N9    . DA A 6  ? 0.5329 1.0506 0.6852 0.0072  0.0284  0.1473  6  DA A N9    
117 C C8    . DA A 6  ? 0.5351 1.0000 0.6793 -0.0046 0.0223  0.1027  6  DA A C8    
118 N N7    . DA A 6  ? 0.5321 0.9061 0.6827 0.0094  0.0245  0.1047  6  DA A N7    
119 C C5    . DA A 6  ? 0.4975 0.8594 0.6627 0.0312  0.0335  0.1481  6  DA A C5    
120 C C6    . DA A 6  ? 0.4788 0.7639 0.6599 0.0512  0.0403  0.1634  6  DA A C6    
121 N N6    . DA A 6  ? 0.4963 0.7064 0.6767 0.0506  0.0368  0.1388  6  DA A N6    
122 N N1    . DA A 6  ? 0.4590 0.7503 0.6600 0.0720  0.0517  0.2027  6  DA A N1    
123 C C2    . DA A 6  ? 0.4840 0.8604 0.6881 0.0740  0.0553  0.2325  6  DA A C2    
124 N N3    . DA A 6  ? 0.5040 0.9685 0.6917 0.0546  0.0478  0.2249  6  DA A N3    
125 C C4    . DA A 6  ? 0.4990 0.9476 0.6673 0.0324  0.0370  0.1777  6  DA A C4    
126 P P     . DT A 7  ? 0.7357 1.6179 0.8712 -0.0578 0.0118  0.1498  7  DT A P     
127 O OP1   . DT A 7  ? 0.7168 1.7551 0.8550 -0.0656 0.0108  0.1786  7  DT A OP1   
128 O OP2   . DT A 7  ? 0.7116 1.5173 0.8402 -0.0867 0.0023  0.0818  7  DT A OP2   
129 O "O5'" . DT A 7  ? 0.6787 1.4602 0.8239 -0.0248 0.0209  0.1893  7  DT A "O5'" 
130 C "C5'" . DT A 7  ? 0.6593 1.4640 0.8238 0.0104  0.0345  0.2529  7  DT A "C5'" 
131 C "C4'" . DT A 7  ? 0.6491 1.3449 0.8228 0.0375  0.0431  0.2681  7  DT A "C4'" 
132 O "O4'" . DT A 7  ? 0.6237 1.2090 0.7917 0.0388  0.0416  0.2360  7  DT A "O4'" 
133 C "C3'" . DT A 7  ? 0.6401 1.3138 0.8037 0.0285  0.0385  0.2527  7  DT A "C3'" 
134 O "O3'" . DT A 7  ? 0.7157 1.4114 0.8978 0.0594  0.0516  0.3028  7  DT A "O3'" 
135 C "C2'" . DT A 7  ? 0.6313 1.1810 0.7831 0.0257  0.0344  0.2129  7  DT A "C2'" 
136 C "C1'" . DT A 7  ? 0.5896 1.0881 0.7518 0.0462  0.0418  0.2221  7  DT A "C1'" 
137 N N1    . DT A 7  ? 0.5587 0.9685 0.7099 0.0375  0.0353  0.1814  7  DT A N1    
138 C C2    . DT A 7  ? 0.5460 0.8726 0.7047 0.0585  0.0417  0.1834  7  DT A C2    
139 O O2    . DT A 7  ? 0.6154 0.9283 0.7915 0.0843  0.0538  0.2123  7  DT A O2    
140 N N3    . DT A 7  ? 0.5352 0.7979 0.6844 0.0482  0.0341  0.1480  7  DT A N3    
141 C C4    . DT A 7  ? 0.5225 0.7891 0.6599 0.0231  0.0232  0.1127  7  DT A C4    
142 O O4    . DT A 7  ? 0.5737 0.7798 0.7075 0.0198  0.0186  0.0872  7  DT A O4    
143 C C5    . DT A 7  ? 0.5152 0.8623 0.6487 0.0018  0.0186  0.1068  7  DT A C5    
144 C C7    . DT A 7  ? 0.5272 0.8777 0.6560 -0.0263 0.0093  0.0611  7  DT A C7    
145 C C6    . DT A 7  ? 0.5197 0.9384 0.6588 0.0086  0.0239  0.1409  7  DT A C6    
146 P P     . DT A 8  ? 0.7350 1.4238 0.9128 0.0616  0.0522  0.3049  8  DT A P     
147 O OP1   . DT A 8  ? 0.8315 1.6213 1.0297 0.0805  0.0620  0.3590  8  DT A OP1   
148 O OP2   . DT A 8  ? 0.6820 1.3575 0.8401 0.0219  0.0361  0.2567  8  DT A OP2   
149 O "O5'" . DT A 8  ? 0.7385 1.3170 0.9227 0.0948  0.0643  0.3063  8  DT A "O5'" 
150 C "C5'" . DT A 8  ? 0.7189 1.2539 0.9263 0.1240  0.0777  0.3262  8  DT A "C5'" 
151 C "C4'" . DT A 8  ? 0.7057 1.1308 0.9102 0.1402  0.0829  0.3003  8  DT A "C4'" 
152 O "O4'" . DT A 8  ? 0.6961 1.0563 0.8796 0.1181  0.0700  0.2562  8  DT A "O4'" 
153 C "C3'" . DT A 8  ? 0.7065 1.1218 0.8982 0.1465  0.0844  0.2919  8  DT A "C3'" 
154 O "O3'" . DT A 8  ? 0.7711 1.1325 0.9842 0.1826  0.1021  0.2976  8  DT A "O3'" 
155 C "C2'" . DT A 8  ? 0.6762 1.0419 0.8375 0.1181  0.0681  0.2468  8  DT A "C2'" 
156 C "C1'" . DT A 8  ? 0.6549 0.9618 0.8174 0.1138  0.0646  0.2259  8  DT A "C1'" 
157 N N1    . DT A 8  ? 0.5995 0.8786 0.7423 0.0831  0.0484  0.1896  8  DT A N1    
158 C C2    . DT A 8  ? 0.5691 0.7724 0.7065 0.0855  0.0458  0.1633  8  DT A C2    
159 O O2    . DT A 8  ? 0.6203 0.7794 0.7667 0.1077  0.0549  0.1632  8  DT A O2    
160 N N3    . DT A 8  ? 0.5481 0.7321 0.6742 0.0606  0.0328  0.1354  8  DT A N3    
161 C C4    . DT A 8  ? 0.5399 0.7645 0.6626 0.0334  0.0238  0.1249  8  DT A C4    
162 O O4    . DT A 8  ? 0.5855 0.7800 0.7053 0.0157  0.0152  0.0966  8  DT A O4    
163 C C5    . DT A 8  ? 0.5382 0.8429 0.6656 0.0280  0.0260  0.1472  8  DT A C5    
164 C C7    . DT A 8  ? 0.5539 0.9108 0.6816 -0.0056 0.0163  0.1289  8  DT A C7    
165 C C6    . DT A 8  ? 0.5747 0.9062 0.7106 0.0534  0.0377  0.1813  8  DT A C6    
166 P P     . DT A 9  ? 0.8310 1.1913 1.0436 0.2073  0.1138  0.2984  9  DT A P     
167 O OP1   . DT A 9  ? 0.8687 1.2070 1.1242 0.2482  0.1375  0.3201  9  DT A OP1   
168 O OP2   . DT A 9  ? 0.7986 1.2407 0.9954 0.1905  0.1057  0.3140  9  DT A OP2   
169 O "O5'" . DT A 9  ? 0.7612 1.0449 0.9458 0.1987  0.1057  0.2487  9  DT A "O5'" 
170 C "C5'" . DT A 9  ? 0.7592 0.9645 0.9531 0.2077  0.1098  0.2216  9  DT A "C5'" 
171 C "C4'" . DT A 9  ? 0.7378 0.9004 0.8986 0.1914  0.0966  0.1798  9  DT A "C4'" 
172 O "O4'" . DT A 9  ? 0.7334 0.8976 0.8764 0.1580  0.0779  0.1728  9  DT A "O4'" 
173 C "C3'" . DT A 9  ? 0.7404 0.9336 0.8785 0.1941  0.0958  0.1754  9  DT A "C3'" 
174 O "O3'" . DT A 9  ? 0.7729 0.9397 0.9185 0.2243  0.1113  0.1547  9  DT A "O3'" 
175 C "C2'" . DT A 9  ? 0.7229 0.9018 0.8331 0.1631  0.0760  0.1561  9  DT A "C2'" 
176 C "C1'" . DT A 9  ? 0.6789 0.8248 0.7956 0.1448  0.0669  0.1485  9  DT A "C1'" 
177 N N1    . DT A 9  ? 0.6119 0.7771 0.7195 0.1127  0.0516  0.1501  9  DT A N1    
178 C C2    . DT A 9  ? 0.5691 0.6919 0.6692 0.0953  0.0399  0.1265  9  DT A C2    
179 O O2    . DT A 9  ? 0.5372 0.6141 0.6335 0.1037  0.0397  0.1063  9  DT A O2    
180 N N3    . DT A 9  ? 0.5467 0.6863 0.6470 0.0673  0.0290  0.1249  9  DT A N3    
181 C C4    . DT A 9  ? 0.5570 0.7536 0.6636 0.0513  0.0273  0.1400  9  DT A C4    
182 O O4    . DT A 9  ? 0.5749 0.7779 0.6860 0.0240  0.0179  0.1275  9  DT A O4    
183 C C5    . DT A 9  ? 0.5722 0.8196 0.6835 0.0691  0.0381  0.1677  9  DT A C5    
184 C C7    . DT A 9  ? 0.5471 0.8699 0.6661 0.0513  0.0357  0.1861  9  DT A C7    
185 C C6    . DT A 9  ? 0.5964 0.8240 0.7091 0.1005  0.0503  0.1732  9  DT A C6    
186 P P     . DG A 10 ? 0.8073 1.0192 0.9387 0.2416  0.1195  0.1543  10 DG A P     
187 O OP1   . DG A 10 ? 0.8634 1.0543 1.0188 0.2792  0.1423  0.1361  10 DG A OP1   
188 O OP2   . DG A 10 ? 0.7806 1.0630 0.9077 0.2284  0.1142  0.1935  10 DG A OP2   
189 O "O5'" . DG A 10 ? 0.7940 0.9893 0.8912 0.2259  0.1057  0.1209  10 DG A "O5'" 
190 C "C5'" . DG A 10 ? 0.7852 0.9225 0.8807 0.2268  0.1038  0.0803  10 DG A "C5'" 
191 C "C4'" . DG A 10 ? 0.7961 0.9379 0.8605 0.2053  0.0861  0.0660  10 DG A "C4'" 
192 O "O4'" . DG A 10 ? 0.7462 0.8842 0.8079 0.1755  0.0698  0.0882  10 DG A "O4'" 
193 C "C3'" . DG A 10 ? 0.7961 1.0006 0.8375 0.2114  0.0869  0.0732  10 DG A "C3'" 
194 O "O3'" . DG A 10 ? 0.8233 1.0248 0.8434 0.2039  0.0766  0.0473  10 DG A "O3'" 
195 C "C2'" . DG A 10 ? 0.7373 0.9754 0.7798 0.1889  0.0773  0.1159  10 DG A "C2'" 
196 C "C1'" . DG A 10 ? 0.6974 0.8843 0.7454 0.1636  0.0630  0.1111  10 DG A "C1'" 
197 N N9    . DG A 10 ? 0.6453 0.8427 0.7050 0.1399  0.0554  0.1372  10 DG A N9    
198 C C8    . DG A 10 ? 0.6033 0.8480 0.6743 0.1367  0.0596  0.1657  10 DG A C8    
199 N N7    . DG A 10 ? 0.5703 0.8175 0.6502 0.1083  0.0491  0.1744  10 DG A N7    
200 C C5    . DG A 10 ? 0.5665 0.7617 0.6420 0.0949  0.0385  0.1526  10 DG A C5    
201 C C6    . DG A 10 ? 0.5401 0.7136 0.6243 0.0664  0.0266  0.1452  10 DG A C6    
202 O O6    . DG A 10 ? 0.5430 0.7405 0.6399 0.0434  0.0220  0.1520  10 DG A O6    
203 N N1    . DG A 10 ? 0.5306 0.6545 0.6096 0.0656  0.0203  0.1247  10 DG A N1    
204 C C2    . DG A 10 ? 0.5712 0.6760 0.6366 0.0854  0.0231  0.1114  10 DG A C2    
205 N N2    . DG A 10 ? 0.5915 0.6589 0.6551 0.0800  0.0150  0.0943  10 DG A N2    
206 N N3    . DG A 10 ? 0.6059 0.7314 0.6622 0.1091  0.0337  0.1111  10 DG A N3    
207 C C4    . DG A 10 ? 0.5792 0.7466 0.6419 0.1139  0.0416  0.1328  10 DG A C4    
208 P P     . DG A 11 ? 0.8755 1.1500 0.8693 0.2100  0.0757  0.0508  11 DG A P     
209 O OP1   . DG A 11 ? 0.9168 1.1940 0.8968 0.2246  0.0796  0.0005  11 DG A OP1   
210 O OP2   . DG A 11 ? 0.8674 1.2006 0.8642 0.2239  0.0879  0.0805  11 DG A OP2   
211 O "O5'" . DG A 11 ? 0.7860 1.0631 0.7750 0.1798  0.0559  0.0807  11 DG A "O5'" 
212 C "C5'" . DG A 11 ? 0.7172 0.9358 0.7164 0.1581  0.0428  0.0783  11 DG A "C5'" 
213 C "C4'" . DG A 11 ? 0.6595 0.8935 0.6659 0.1347  0.0308  0.1163  11 DG A "C4'" 
214 O "O4'" . DG A 11 ? 0.6220 0.8565 0.6465 0.1216  0.0325  0.1423  11 DG A "O4'" 
215 C "C3'" . DG A 11 ? 0.6585 0.9629 0.6546 0.1377  0.0297  0.1427  11 DG A "C3'" 
216 O "O3'" . DG A 11 ? 0.6673 0.9686 0.6792 0.1173  0.0179  0.1727  11 DG A "O3'" 
217 C "C2'" . DG A 11 ? 0.6290 0.9758 0.6335 0.1382  0.0382  0.1733  11 DG A "C2'" 
218 C "C1'" . DG A 11 ? 0.5941 0.8903 0.6205 0.1199  0.0354  0.1765  11 DG A "C1'" 
219 N N9    . DG A 11 ? 0.5708 0.8916 0.6038 0.1268  0.0456  0.1865  11 DG A N9    
220 C C8    . DG A 11 ? 0.5592 0.9274 0.5833 0.1531  0.0601  0.1871  11 DG A C8    
221 N N7    . DG A 11 ? 0.5668 0.9556 0.6050 0.1530  0.0663  0.2050  11 DG A N7    
222 C C5    . DG A 11 ? 0.5498 0.9068 0.6047 0.1225  0.0545  0.2125  11 DG A C5    
223 C C6    . DG A 11 ? 0.5613 0.9354 0.6346 0.1064  0.0534  0.2287  11 DG A C6    
224 O O6    . DG A 11 ? 0.6218 1.0440 0.7019 0.1177  0.0628  0.2461  11 DG A O6    
225 N N1    . DG A 11 ? 0.5196 0.8580 0.6055 0.0747  0.0404  0.2219  11 DG A N1    
226 C C2    . DG A 11 ? 0.5349 0.8222 0.6197 0.0632  0.0309  0.2064  11 DG A C2    
227 N N2    . DG A 11 ? 0.5236 0.7817 0.6256 0.0351  0.0215  0.1976  11 DG A N2    
228 N N3    . DG A 11 ? 0.5189 0.7915 0.5879 0.0791  0.0313  0.1978  11 DG A N3    
229 C C4    . DG A 11 ? 0.5439 0.8553 0.5969 0.1070  0.0427  0.1997  11 DG A C4    
230 P P     . DA A 12 ? 0.6699 1.0288 0.6730 0.1219  0.0121  0.1920  12 DA A P     
231 O OP1   . DA A 12 ? 0.7249 1.1022 0.6972 0.1415  0.0140  0.1466  12 DA A OP1   
232 O OP2   . DA A 12 ? 0.6592 1.0897 0.6732 0.1192  0.0157  0.2441  12 DA A OP2   
233 O "O5'" . DA A 12 ? 0.7064 1.0098 0.7338 0.1040  0.0003  0.1996  12 DA A "O5'" 
234 C "C5'" . DA A 12 ? 0.7185 0.9499 0.7462 0.0999  -0.0032 0.1611  12 DA A "C5'" 
235 C "C4'" . DA A 12 ? 0.7011 0.8822 0.7623 0.0800  -0.0103 0.1770  12 DA A "C4'" 
236 O "O4'" . DA A 12 ? 0.6503 0.8043 0.7324 0.0638  -0.0070 0.1838  12 DA A "O4'" 
237 C "C3'" . DA A 12 ? 0.7354 0.9457 0.8220 0.0749  -0.0148 0.2220  12 DA A "C3'" 
238 O "O3'" . DA A 12 ? 0.9004 1.0554 1.0097 0.0668  -0.0211 0.2137  12 DA A "O3'" 
239 C "C2'" . DA A 12 ? 0.7047 0.9228 0.8203 0.0596  -0.0101 0.2571  12 DA A "C2'" 
240 C "C1'" . DA A 12 ? 0.6518 0.8163 0.7692 0.0478  -0.0082 0.2243  12 DA A "C1'" 
241 N N9    . DA A 12 ? 0.6042 0.7905 0.7290 0.0375  -0.0025 0.2368  12 DA A N9    
242 C C8    . DA A 12 ? 0.5692 0.8004 0.6686 0.0506  0.0047  0.2354  12 DA A C8    
243 N N7    . DA A 12 ? 0.5535 0.7990 0.6699 0.0353  0.0078  0.2488  12 DA A N7    
244 C C5    . DA A 12 ? 0.5554 0.7598 0.7108 0.0081  0.0022  0.2534  12 DA A C5    
245 C C6    . DA A 12 ? 0.5625 0.7621 0.7532 -0.0212 0.0016  0.2592  12 DA A C6    
246 N N6    . DA A 12 ? 0.5682 0.8141 0.7589 -0.0286 0.0055  0.2696  12 DA A N6    
247 N N1    . DA A 12 ? 0.5899 0.7409 0.8218 -0.0436 -0.0026 0.2546  12 DA A N1    
248 C C2    . DA A 12 ? 0.5925 0.7030 0.8275 -0.0335 -0.0056 0.2479  12 DA A C2    
249 N N3    . DA A 12 ? 0.5727 0.6881 0.7737 -0.0071 -0.0069 0.2440  12 DA A N3    
250 C C4    . DA A 12 ? 0.5853 0.7491 0.7473 0.0113  -0.0031 0.2456  12 DA A C4    
251 P P     . DG A 13 ? 0.9963 1.1743 1.1171 0.0748  -0.0283 0.2348  13 DG A P     
252 O OP1   . DG A 13 ? 0.9432 1.0521 1.0858 0.0673  -0.0319 0.2133  13 DG A OP1   
253 O OP2   . DG A 13 ? 0.9236 1.1694 1.0020 0.0922  -0.0308 0.2201  13 DG A OP2   
254 O "O5'" . DG A 13 ? 0.9085 1.1229 1.0700 0.0698  -0.0254 0.2995  13 DG A "O5'" 
# 
loop_
_pdbx_poly_seq_scheme.asym_id 
_pdbx_poly_seq_scheme.entity_id 
_pdbx_poly_seq_scheme.seq_id 
_pdbx_poly_seq_scheme.mon_id 
_pdbx_poly_seq_scheme.ndb_seq_num 
_pdbx_poly_seq_scheme.pdb_seq_num 
_pdbx_poly_seq_scheme.auth_seq_num 
_pdbx_poly_seq_scheme.pdb_mon_id 
_pdbx_poly_seq_scheme.auth_mon_id 
_pdbx_poly_seq_scheme.pdb_strand_id 
_pdbx_poly_seq_scheme.pdb_ins_code 
_pdbx_poly_seq_scheme.hetero 
A 1 1  DG 1  1  1  DG DG A . n 
A 1 2  DG 2  2  2  DG DG A . n 
A 1 3  DA 3  3  3  DA DA A . n 
A 1 4  DA 4  4  4  DA DA A . n 
A 1 5  DA 5  5  5  DA DA A . n 
A 1 6  DA 6  6  6  DA DA A . n 
A 1 7  DT 7  7  7  DT DT A . n 
A 1 8  DT 8  8  8  DT DT A . n 
A 1 9  DT 9  9  9  DT DT A . n 
A 1 10 DG 10 10 10 DG DG A . n 
A 1 11 DG 11 11 11 DG DG A . n 
A 1 12 DA 12 12 12 DA DA A . n 
A 1 13 DG 13 13 13 DG DG A . n 
# 
loop_
_pdbx_nonpoly_scheme.asym_id 
_pdbx_nonpoly_scheme.entity_id 
_pdbx_nonpoly_scheme.mon_id 
_pdbx_nonpoly_scheme.ndb_seq_num 
_pdbx_nonpoly_scheme.pdb_seq_num 
_pdbx_nonpoly_scheme.auth_seq_num 
_pdbx_nonpoly_scheme.pdb_mon_id 
_pdbx_nonpoly_scheme.auth_mon_id 
_pdbx_nonpoly_scheme.pdb_strand_id 
_pdbx_nonpoly_scheme.pdb_ins_code 
B 2 MG  1 101 1  MG  MG  A . 
C 2 MG  1 102 2  MG  MG  A . 
D 3 HOH 1 201 9  HOH HOH A . 
D 3 HOH 2 202 10 HOH HOH A . 
D 3 HOH 3 203 11 HOH HOH A . 
D 3 HOH 4 204 12 HOH HOH A . 
D 3 HOH 5 205 13 HOH HOH A . 
D 3 HOH 6 206 14 HOH HOH A . 
D 3 HOH 7 207 15 HOH HOH A . 
D 3 HOH 8 208 16 HOH HOH A . 
D 3 HOH 9 209 17 HOH HOH A . 
# 
_pdbx_struct_assembly.id                   1 
_pdbx_struct_assembly.details              author_defined_assembly 
_pdbx_struct_assembly.method_details       ? 
_pdbx_struct_assembly.oligomeric_details   dimeric 
_pdbx_struct_assembly.oligomeric_count     2 
# 
_pdbx_struct_assembly_gen.assembly_id       1 
_pdbx_struct_assembly_gen.oper_expression   1,2 
_pdbx_struct_assembly_gen.asym_id_list      A,B,C,D 
# 
loop_
_pdbx_struct_oper_list.id 
_pdbx_struct_oper_list.type 
_pdbx_struct_oper_list.name 
_pdbx_struct_oper_list.symmetry_operation 
_pdbx_struct_oper_list.matrix[1][1] 
_pdbx_struct_oper_list.matrix[1][2] 
_pdbx_struct_oper_list.matrix[1][3] 
_pdbx_struct_oper_list.vector[1] 
_pdbx_struct_oper_list.matrix[2][1] 
_pdbx_struct_oper_list.matrix[2][2] 
_pdbx_struct_oper_list.matrix[2][3] 
_pdbx_struct_oper_list.vector[2] 
_pdbx_struct_oper_list.matrix[3][1] 
_pdbx_struct_oper_list.matrix[3][2] 
_pdbx_struct_oper_list.matrix[3][3] 
_pdbx_struct_oper_list.vector[3] 
1 'identity operation'         1_555 x,y,z     1.0000000000 0.0000000000  0.0000000000 0.0000000000  0.0000000000  1.0000000000  0.0000000000  0.0000000000  0.0000000000 0.0000000000  1.0000000000  0.0000000000 
2 'crystal symmetry operation' 4_545 -x,-y-1,z 0.5485142610 -0.8340299965 0.0593807237 -1.3371675731 -0.8340299965 -0.5507913278 -0.0319824661 -2.1363286671 0.0593807237 -0.0319824661 -0.9977229332 4.8645561604 
# 
_pdbx_struct_special_symmetry.id              1 
_pdbx_struct_special_symmetry.PDB_model_num   1 
_pdbx_struct_special_symmetry.auth_asym_id    A 
_pdbx_struct_special_symmetry.auth_comp_id    HOH 
_pdbx_struct_special_symmetry.auth_seq_id     202 
_pdbx_struct_special_symmetry.PDB_ins_code    ? 
_pdbx_struct_special_symmetry.label_asym_id   D 
_pdbx_struct_special_symmetry.label_comp_id   HOH 
_pdbx_struct_special_symmetry.label_seq_id    . 
# 
_pdbx_struct_conn_angle.id                    1 
_pdbx_struct_conn_angle.ptnr1_label_atom_id   O 
_pdbx_struct_conn_angle.ptnr1_label_alt_id    ? 
_pdbx_struct_conn_angle.ptnr1_label_asym_id   D 
_pdbx_struct_conn_angle.ptnr1_label_comp_id   HOH 
_pdbx_struct_conn_angle.ptnr1_label_seq_id    . 
_pdbx_struct_conn_angle.ptnr1_auth_atom_id    ? 
_pdbx_struct_conn_angle.ptnr1_auth_asym_id    A 
_pdbx_struct_conn_angle.ptnr1_auth_comp_id    HOH 
_pdbx_struct_conn_angle.ptnr1_auth_seq_id     206 
_pdbx_struct_conn_angle.ptnr1_PDB_ins_code    ? 
_pdbx_struct_conn_angle.ptnr1_symmetry        1_555 
_pdbx_struct_conn_angle.ptnr2_label_atom_id   MG 
_pdbx_struct_conn_angle.ptnr2_label_alt_id    ? 
_pdbx_struct_conn_angle.ptnr2_label_asym_id   B 
_pdbx_struct_conn_angle.ptnr2_label_comp_id   MG 
_pdbx_struct_conn_angle.ptnr2_label_seq_id    . 
_pdbx_struct_conn_angle.ptnr2_auth_atom_id    ? 
_pdbx_struct_conn_angle.ptnr2_auth_asym_id    A 
_pdbx_struct_conn_angle.ptnr2_auth_comp_id    MG 
_pdbx_struct_conn_angle.ptnr2_auth_seq_id     101 
_pdbx_struct_conn_angle.ptnr2_PDB_ins_code    ? 
_pdbx_struct_conn_angle.ptnr2_symmetry        1_555 
_pdbx_struct_conn_angle.ptnr3_label_atom_id   O 
_pdbx_struct_conn_angle.ptnr3_label_alt_id    ? 
_pdbx_struct_conn_angle.ptnr3_label_asym_id   D 
_pdbx_struct_conn_angle.ptnr3_label_comp_id   HOH 
_pdbx_struct_conn_angle.ptnr3_label_seq_id    . 
_pdbx_struct_conn_angle.ptnr3_auth_atom_id    ? 
_pdbx_struct_conn_angle.ptnr3_auth_asym_id    A 
_pdbx_struct_conn_angle.ptnr3_auth_comp_id    HOH 
_pdbx_struct_conn_angle.ptnr3_auth_seq_id     207 
_pdbx_struct_conn_angle.ptnr3_PDB_ins_code    ? 
_pdbx_struct_conn_angle.ptnr3_symmetry        1_555 
_pdbx_struct_conn_angle.value                 107.8 
_pdbx_struct_conn_angle.value_esd             ? 
# 
loop_
_pdbx_audit_revision_history.ordinal 
_pdbx_audit_revision_history.data_content_type 
_pdbx_audit_revision_history.major_revision 
_pdbx_audit_revision_history.minor_revision 
_pdbx_audit_revision_history.revision_date 
1 'Structure model' 1 0 2015-06-17 
2 'Structure model' 1 1 2015-09-09 
3 'Structure model' 1 2 2023-09-20 
# 
_pdbx_audit_revision_details.ordinal             1 
_pdbx_audit_revision_details.revision_ordinal    1 
_pdbx_audit_revision_details.data_content_type   'Structure model' 
_pdbx_audit_revision_details.provider            repository 
_pdbx_audit_revision_details.type                'Initial release' 
_pdbx_audit_revision_details.description         ? 
_pdbx_audit_revision_details.details             ? 
# 
loop_
_pdbx_audit_revision_group.ordinal 
_pdbx_audit_revision_group.revision_ordinal 
_pdbx_audit_revision_group.data_content_type 
_pdbx_audit_revision_group.group 
1 2 'Structure model' 'Database references'    
2 3 'Structure model' 'Data collection'        
3 3 'Structure model' 'Database references'    
4 3 'Structure model' 'Derived calculations'   
5 3 'Structure model' 'Refinement description' 
# 
loop_
_pdbx_audit_revision_category.ordinal 
_pdbx_audit_revision_category.revision_ordinal 
_pdbx_audit_revision_category.data_content_type 
_pdbx_audit_revision_category.category 
1 3 'Structure model' chem_comp_atom                
2 3 'Structure model' chem_comp_bond                
3 3 'Structure model' database_2                    
4 3 'Structure model' pdbx_initial_refinement_model 
5 3 'Structure model' pdbx_struct_conn_angle        
6 3 'Structure model' struct_conn                   
7 3 'Structure model' struct_site                   
# 
loop_
_pdbx_audit_revision_item.ordinal 
_pdbx_audit_revision_item.revision_ordinal 
_pdbx_audit_revision_item.data_content_type 
_pdbx_audit_revision_item.item 
1 3 'Structure model' '_database_2.pdbx_DOI'                      
2 3 'Structure model' '_database_2.pdbx_database_accession'       
3 3 'Structure model' '_pdbx_struct_conn_angle.ptnr1_auth_seq_id' 
4 3 'Structure model' '_pdbx_struct_conn_angle.ptnr3_auth_seq_id' 
5 3 'Structure model' '_struct_conn.pdbx_dist_value'              
6 3 'Structure model' '_struct_conn.ptnr2_auth_seq_id'            
7 3 'Structure model' '_struct_site.pdbx_auth_asym_id'            
8 3 'Structure model' '_struct_site.pdbx_auth_comp_id'            
9 3 'Structure model' '_struct_site.pdbx_auth_seq_id'             
# 
_pdbx_refine_tls.pdbx_refine_id   'X-RAY DIFFRACTION' 
_pdbx_refine_tls.id               1 
_pdbx_refine_tls.details          ? 
_pdbx_refine_tls.method           refined 
_pdbx_refine_tls.origin_x         0.2508 
_pdbx_refine_tls.origin_y         -0.1065 
_pdbx_refine_tls.origin_z         0.0968 
_pdbx_refine_tls.T[1][1]          0.1570 
_pdbx_refine_tls.T[2][2]          0.1797 
_pdbx_refine_tls.T[3][3]          0.2905 
_pdbx_refine_tls.T[1][2]          0.0393 
_pdbx_refine_tls.T[1][3]          0.0128 
_pdbx_refine_tls.T[2][3]          0.0500 
_pdbx_refine_tls.L[1][1]          10.6298 
_pdbx_refine_tls.L[2][2]          1.1281 
_pdbx_refine_tls.L[3][3]          4.1489 
_pdbx_refine_tls.L[1][2]          -0.0812 
_pdbx_refine_tls.L[1][3]          -1.3365 
_pdbx_refine_tls.L[2][3]          -1.1860 
_pdbx_refine_tls.S[1][1]          -0.0167 
_pdbx_refine_tls.S[1][2]          -0.8179 
_pdbx_refine_tls.S[1][3]          -0.2996 
_pdbx_refine_tls.S[2][1]          -0.1546 
_pdbx_refine_tls.S[2][2]          -0.3239 
_pdbx_refine_tls.S[2][3]          0.0939 
_pdbx_refine_tls.S[3][1]          0.0807 
_pdbx_refine_tls.S[3][2]          0.6738 
_pdbx_refine_tls.S[3][3]          0.3406 
# 
_pdbx_refine_tls_group.pdbx_refine_id      'X-RAY DIFFRACTION' 
_pdbx_refine_tls_group.id                  1 
_pdbx_refine_tls_group.refine_tls_id       1 
_pdbx_refine_tls_group.beg_auth_asym_id    A 
_pdbx_refine_tls_group.beg_auth_seq_id     1 
_pdbx_refine_tls_group.beg_label_asym_id   ? 
_pdbx_refine_tls_group.beg_label_seq_id    ? 
_pdbx_refine_tls_group.end_auth_asym_id    A 
_pdbx_refine_tls_group.end_auth_seq_id     13 
_pdbx_refine_tls_group.end_label_asym_id   ? 
_pdbx_refine_tls_group.end_label_seq_id    ? 
_pdbx_refine_tls_group.selection           ? 
_pdbx_refine_tls_group.selection_details   ? 
# 
_software.name             REFMAC 
_software.classification   refinement 
_software.version          5.8.0073 
_software.citation_id      ? 
_software.pdbx_ordinal     1 
# 
loop_
_pdbx_unobs_or_zero_occ_atoms.id 
_pdbx_unobs_or_zero_occ_atoms.PDB_model_num 
_pdbx_unobs_or_zero_occ_atoms.polymer_flag 
_pdbx_unobs_or_zero_occ_atoms.occupancy_flag 
_pdbx_unobs_or_zero_occ_atoms.auth_asym_id 
_pdbx_unobs_or_zero_occ_atoms.auth_comp_id 
_pdbx_unobs_or_zero_occ_atoms.auth_seq_id 
_pdbx_unobs_or_zero_occ_atoms.PDB_ins_code 
_pdbx_unobs_or_zero_occ_atoms.auth_atom_id 
_pdbx_unobs_or_zero_occ_atoms.label_alt_id 
_pdbx_unobs_or_zero_occ_atoms.label_asym_id 
_pdbx_unobs_or_zero_occ_atoms.label_comp_id 
_pdbx_unobs_or_zero_occ_atoms.label_seq_id 
_pdbx_unobs_or_zero_occ_atoms.label_atom_id 
1  1 Y 1 A DG 13 ? "C5'" ? A DG 13 "C5'" 
2  1 Y 1 A DG 13 ? "C4'" ? A DG 13 "C4'" 
3  1 Y 1 A DG 13 ? "O4'" ? A DG 13 "O4'" 
4  1 Y 1 A DG 13 ? "C3'" ? A DG 13 "C3'" 
5  1 Y 1 A DG 13 ? "O3'" ? A DG 13 "O3'" 
6  1 Y 1 A DG 13 ? "C2'" ? A DG 13 "C2'" 
7  1 Y 1 A DG 13 ? "C1'" ? A DG 13 "C1'" 
8  1 Y 1 A DG 13 ? N9    ? A DG 13 N9    
9  1 Y 1 A DG 13 ? C8    ? A DG 13 C8    
10 1 Y 1 A DG 13 ? N7    ? A DG 13 N7    
11 1 Y 1 A DG 13 ? C5    ? A DG 13 C5    
12 1 Y 1 A DG 13 ? C6    ? A DG 13 C6    
13 1 Y 1 A DG 13 ? O6    ? A DG 13 O6    
14 1 Y 1 A DG 13 ? N1    ? A DG 13 N1    
15 1 Y 1 A DG 13 ? C2    ? A DG 13 C2    
16 1 Y 1 A DG 13 ? N2    ? A DG 13 N2    
17 1 Y 1 A DG 13 ? N3    ? A DG 13 N3    
18 1 Y 1 A DG 13 ? C4    ? A DG 13 C4    
# 
loop_
_chem_comp_atom.comp_id 
_chem_comp_atom.atom_id 
_chem_comp_atom.type_symbol 
_chem_comp_atom.pdbx_aromatic_flag 
_chem_comp_atom.pdbx_stereo_config 
_chem_comp_atom.pdbx_ordinal 
DA  OP3    O  N N 1   
DA  P      P  N N 2   
DA  OP1    O  N N 3   
DA  OP2    O  N N 4   
DA  "O5'"  O  N N 5   
DA  "C5'"  C  N N 6   
DA  "C4'"  C  N R 7   
DA  "O4'"  O  N N 8   
DA  "C3'"  C  N S 9   
DA  "O3'"  O  N N 10  
DA  "C2'"  C  N N 11  
DA  "C1'"  C  N R 12  
DA  N9     N  Y N 13  
DA  C8     C  Y N 14  
DA  N7     N  Y N 15  
DA  C5     C  Y N 16  
DA  C6     C  Y N 17  
DA  N6     N  N N 18  
DA  N1     N  Y N 19  
DA  C2     C  Y N 20  
DA  N3     N  Y N 21  
DA  C4     C  Y N 22  
DA  HOP3   H  N N 23  
DA  HOP2   H  N N 24  
DA  "H5'"  H  N N 25  
DA  "H5''" H  N N 26  
DA  "H4'"  H  N N 27  
DA  "H3'"  H  N N 28  
DA  "HO3'" H  N N 29  
DA  "H2'"  H  N N 30  
DA  "H2''" H  N N 31  
DA  "H1'"  H  N N 32  
DA  H8     H  N N 33  
DA  H61    H  N N 34  
DA  H62    H  N N 35  
DA  H2     H  N N 36  
DG  OP3    O  N N 37  
DG  P      P  N N 38  
DG  OP1    O  N N 39  
DG  OP2    O  N N 40  
DG  "O5'"  O  N N 41  
DG  "C5'"  C  N N 42  
DG  "C4'"  C  N R 43  
DG  "O4'"  O  N N 44  
DG  "C3'"  C  N S 45  
DG  "O3'"  O  N N 46  
DG  "C2'"  C  N N 47  
DG  "C1'"  C  N R 48  
DG  N9     N  Y N 49  
DG  C8     C  Y N 50  
DG  N7     N  Y N 51  
DG  C5     C  Y N 52  
DG  C6     C  N N 53  
DG  O6     O  N N 54  
DG  N1     N  N N 55  
DG  C2     C  N N 56  
DG  N2     N  N N 57  
DG  N3     N  N N 58  
DG  C4     C  Y N 59  
DG  HOP3   H  N N 60  
DG  HOP2   H  N N 61  
DG  "H5'"  H  N N 62  
DG  "H5''" H  N N 63  
DG  "H4'"  H  N N 64  
DG  "H3'"  H  N N 65  
DG  "HO3'" H  N N 66  
DG  "H2'"  H  N N 67  
DG  "H2''" H  N N 68  
DG  "H1'"  H  N N 69  
DG  H8     H  N N 70  
DG  H1     H  N N 71  
DG  H21    H  N N 72  
DG  H22    H  N N 73  
DT  OP3    O  N N 74  
DT  P      P  N N 75  
DT  OP1    O  N N 76  
DT  OP2    O  N N 77  
DT  "O5'"  O  N N 78  
DT  "C5'"  C  N N 79  
DT  "C4'"  C  N R 80  
DT  "O4'"  O  N N 81  
DT  "C3'"  C  N S 82  
DT  "O3'"  O  N N 83  
DT  "C2'"  C  N N 84  
DT  "C1'"  C  N R 85  
DT  N1     N  N N 86  
DT  C2     C  N N 87  
DT  O2     O  N N 88  
DT  N3     N  N N 89  
DT  C4     C  N N 90  
DT  O4     O  N N 91  
DT  C5     C  N N 92  
DT  C7     C  N N 93  
DT  C6     C  N N 94  
DT  HOP3   H  N N 95  
DT  HOP2   H  N N 96  
DT  "H5'"  H  N N 97  
DT  "H5''" H  N N 98  
DT  "H4'"  H  N N 99  
DT  "H3'"  H  N N 100 
DT  "HO3'" H  N N 101 
DT  "H2'"  H  N N 102 
DT  "H2''" H  N N 103 
DT  "H1'"  H  N N 104 
DT  H3     H  N N 105 
DT  H71    H  N N 106 
DT  H72    H  N N 107 
DT  H73    H  N N 108 
DT  H6     H  N N 109 
HOH O      O  N N 110 
HOH H1     H  N N 111 
HOH H2     H  N N 112 
MG  MG     MG N N 113 
# 
loop_
_chem_comp_bond.comp_id 
_chem_comp_bond.atom_id_1 
_chem_comp_bond.atom_id_2 
_chem_comp_bond.value_order 
_chem_comp_bond.pdbx_aromatic_flag 
_chem_comp_bond.pdbx_stereo_config 
_chem_comp_bond.pdbx_ordinal 
DA  OP3   P      sing N N 1   
DA  OP3   HOP3   sing N N 2   
DA  P     OP1    doub N N 3   
DA  P     OP2    sing N N 4   
DA  P     "O5'"  sing N N 5   
DA  OP2   HOP2   sing N N 6   
DA  "O5'" "C5'"  sing N N 7   
DA  "C5'" "C4'"  sing N N 8   
DA  "C5'" "H5'"  sing N N 9   
DA  "C5'" "H5''" sing N N 10  
DA  "C4'" "O4'"  sing N N 11  
DA  "C4'" "C3'"  sing N N 12  
DA  "C4'" "H4'"  sing N N 13  
DA  "O4'" "C1'"  sing N N 14  
DA  "C3'" "O3'"  sing N N 15  
DA  "C3'" "C2'"  sing N N 16  
DA  "C3'" "H3'"  sing N N 17  
DA  "O3'" "HO3'" sing N N 18  
DA  "C2'" "C1'"  sing N N 19  
DA  "C2'" "H2'"  sing N N 20  
DA  "C2'" "H2''" sing N N 21  
DA  "C1'" N9     sing N N 22  
DA  "C1'" "H1'"  sing N N 23  
DA  N9    C8     sing Y N 24  
DA  N9    C4     sing Y N 25  
DA  C8    N7     doub Y N 26  
DA  C8    H8     sing N N 27  
DA  N7    C5     sing Y N 28  
DA  C5    C6     sing Y N 29  
DA  C5    C4     doub Y N 30  
DA  C6    N6     sing N N 31  
DA  C6    N1     doub Y N 32  
DA  N6    H61    sing N N 33  
DA  N6    H62    sing N N 34  
DA  N1    C2     sing Y N 35  
DA  C2    N3     doub Y N 36  
DA  C2    H2     sing N N 37  
DA  N3    C4     sing Y N 38  
DG  OP3   P      sing N N 39  
DG  OP3   HOP3   sing N N 40  
DG  P     OP1    doub N N 41  
DG  P     OP2    sing N N 42  
DG  P     "O5'"  sing N N 43  
DG  OP2   HOP2   sing N N 44  
DG  "O5'" "C5'"  sing N N 45  
DG  "C5'" "C4'"  sing N N 46  
DG  "C5'" "H5'"  sing N N 47  
DG  "C5'" "H5''" sing N N 48  
DG  "C4'" "O4'"  sing N N 49  
DG  "C4'" "C3'"  sing N N 50  
DG  "C4'" "H4'"  sing N N 51  
DG  "O4'" "C1'"  sing N N 52  
DG  "C3'" "O3'"  sing N N 53  
DG  "C3'" "C2'"  sing N N 54  
DG  "C3'" "H3'"  sing N N 55  
DG  "O3'" "HO3'" sing N N 56  
DG  "C2'" "C1'"  sing N N 57  
DG  "C2'" "H2'"  sing N N 58  
DG  "C2'" "H2''" sing N N 59  
DG  "C1'" N9     sing N N 60  
DG  "C1'" "H1'"  sing N N 61  
DG  N9    C8     sing Y N 62  
DG  N9    C4     sing Y N 63  
DG  C8    N7     doub Y N 64  
DG  C8    H8     sing N N 65  
DG  N7    C5     sing Y N 66  
DG  C5    C6     sing N N 67  
DG  C5    C4     doub Y N 68  
DG  C6    O6     doub N N 69  
DG  C6    N1     sing N N 70  
DG  N1    C2     sing N N 71  
DG  N1    H1     sing N N 72  
DG  C2    N2     sing N N 73  
DG  C2    N3     doub N N 74  
DG  N2    H21    sing N N 75  
DG  N2    H22    sing N N 76  
DG  N3    C4     sing N N 77  
DT  OP3   P      sing N N 78  
DT  OP3   HOP3   sing N N 79  
DT  P     OP1    doub N N 80  
DT  P     OP2    sing N N 81  
DT  P     "O5'"  sing N N 82  
DT  OP2   HOP2   sing N N 83  
DT  "O5'" "C5'"  sing N N 84  
DT  "C5'" "C4'"  sing N N 85  
DT  "C5'" "H5'"  sing N N 86  
DT  "C5'" "H5''" sing N N 87  
DT  "C4'" "O4'"  sing N N 88  
DT  "C4'" "C3'"  sing N N 89  
DT  "C4'" "H4'"  sing N N 90  
DT  "O4'" "C1'"  sing N N 91  
DT  "C3'" "O3'"  sing N N 92  
DT  "C3'" "C2'"  sing N N 93  
DT  "C3'" "H3'"  sing N N 94  
DT  "O3'" "HO3'" sing N N 95  
DT  "C2'" "C1'"  sing N N 96  
DT  "C2'" "H2'"  sing N N 97  
DT  "C2'" "H2''" sing N N 98  
DT  "C1'" N1     sing N N 99  
DT  "C1'" "H1'"  sing N N 100 
DT  N1    C2     sing N N 101 
DT  N1    C6     sing N N 102 
DT  C2    O2     doub N N 103 
DT  C2    N3     sing N N 104 
DT  N3    C4     sing N N 105 
DT  N3    H3     sing N N 106 
DT  C4    O4     doub N N 107 
DT  C4    C5     sing N N 108 
DT  C5    C7     sing N N 109 
DT  C5    C6     doub N N 110 
DT  C7    H71    sing N N 111 
DT  C7    H72    sing N N 112 
DT  C7    H73    sing N N 113 
DT  C6    H6     sing N N 114 
HOH O     H1     sing N N 115 
HOH O     H2     sing N N 116 
# 
_ndb_struct_conf_na.entry_id   4RNK 
_ndb_struct_conf_na.feature    'b-form double helix' 
# 
loop_
_ndb_struct_na_base_pair.model_number 
_ndb_struct_na_base_pair.i_label_asym_id 
_ndb_struct_na_base_pair.i_label_comp_id 
_ndb_struct_na_base_pair.i_label_seq_id 
_ndb_struct_na_base_pair.i_symmetry 
_ndb_struct_na_base_pair.j_label_asym_id 
_ndb_struct_na_base_pair.j_label_comp_id 
_ndb_struct_na_base_pair.j_label_seq_id 
_ndb_struct_na_base_pair.j_symmetry 
_ndb_struct_na_base_pair.shear 
_ndb_struct_na_base_pair.stretch 
_ndb_struct_na_base_pair.stagger 
_ndb_struct_na_base_pair.buckle 
_ndb_struct_na_base_pair.propeller 
_ndb_struct_na_base_pair.opening 
_ndb_struct_na_base_pair.pair_number 
_ndb_struct_na_base_pair.pair_name 
_ndb_struct_na_base_pair.i_auth_asym_id 
_ndb_struct_na_base_pair.i_auth_seq_id 
_ndb_struct_na_base_pair.i_PDB_ins_code 
_ndb_struct_na_base_pair.j_auth_asym_id 
_ndb_struct_na_base_pair.j_auth_seq_id 
_ndb_struct_na_base_pair.j_PDB_ins_code 
_ndb_struct_na_base_pair.hbond_type_28 
_ndb_struct_na_base_pair.hbond_type_12 
1 A DA 4 1_555 A DT 9 4_545 -0.237 -0.081 0.270 1.011  -12.354 1.757 1 A_DA4:DT9_A A 4 ? A 9 ? 20 1 
1 A DA 5 1_555 A DT 8 4_545 -0.210 -0.176 0.188 7.765  -18.087 2.456 2 A_DA5:DT8_A A 5 ? A 8 ? 20 1 
1 A DA 6 1_555 A DT 7 4_545 -0.085 -0.102 0.064 0.291  -16.612 4.827 3 A_DA6:DT7_A A 6 ? A 7 ? 20 1 
1 A DT 7 1_555 A DA 6 4_545 0.085  -0.102 0.064 -0.291 -16.612 4.827 4 A_DT7:DA6_A A 7 ? A 6 ? 20 1 
1 A DT 8 1_555 A DA 5 4_545 0.210  -0.176 0.188 -7.765 -18.087 2.456 5 A_DT8:DA5_A A 8 ? A 5 ? 20 1 
1 A DT 9 1_555 A DA 4 4_545 0.237  -0.081 0.270 -1.011 -12.354 1.757 6 A_DT9:DA4_A A 9 ? A 4 ? 20 1 
# 
loop_
_ndb_struct_na_base_pair_step.model_number 
_ndb_struct_na_base_pair_step.i_label_asym_id_1 
_ndb_struct_na_base_pair_step.i_label_comp_id_1 
_ndb_struct_na_base_pair_step.i_label_seq_id_1 
_ndb_struct_na_base_pair_step.i_symmetry_1 
_ndb_struct_na_base_pair_step.j_label_asym_id_1 
_ndb_struct_na_base_pair_step.j_label_comp_id_1 
_ndb_struct_na_base_pair_step.j_label_seq_id_1 
_ndb_struct_na_base_pair_step.j_symmetry_1 
_ndb_struct_na_base_pair_step.i_label_asym_id_2 
_ndb_struct_na_base_pair_step.i_label_comp_id_2 
_ndb_struct_na_base_pair_step.i_label_seq_id_2 
_ndb_struct_na_base_pair_step.i_symmetry_2 
_ndb_struct_na_base_pair_step.j_label_asym_id_2 
_ndb_struct_na_base_pair_step.j_label_comp_id_2 
_ndb_struct_na_base_pair_step.j_label_seq_id_2 
_ndb_struct_na_base_pair_step.j_symmetry_2 
_ndb_struct_na_base_pair_step.shift 
_ndb_struct_na_base_pair_step.slide 
_ndb_struct_na_base_pair_step.rise 
_ndb_struct_na_base_pair_step.tilt 
_ndb_struct_na_base_pair_step.roll 
_ndb_struct_na_base_pair_step.twist 
_ndb_struct_na_base_pair_step.x_displacement 
_ndb_struct_na_base_pair_step.y_displacement 
_ndb_struct_na_base_pair_step.helical_rise 
_ndb_struct_na_base_pair_step.inclination 
_ndb_struct_na_base_pair_step.tip 
_ndb_struct_na_base_pair_step.helical_twist 
_ndb_struct_na_base_pair_step.step_number 
_ndb_struct_na_base_pair_step.step_name 
_ndb_struct_na_base_pair_step.i_auth_asym_id_1 
_ndb_struct_na_base_pair_step.i_auth_seq_id_1 
_ndb_struct_na_base_pair_step.i_PDB_ins_code_1 
_ndb_struct_na_base_pair_step.j_auth_asym_id_1 
_ndb_struct_na_base_pair_step.j_auth_seq_id_1 
_ndb_struct_na_base_pair_step.j_PDB_ins_code_1 
_ndb_struct_na_base_pair_step.i_auth_asym_id_2 
_ndb_struct_na_base_pair_step.i_auth_seq_id_2 
_ndb_struct_na_base_pair_step.i_PDB_ins_code_2 
_ndb_struct_na_base_pair_step.j_auth_asym_id_2 
_ndb_struct_na_base_pair_step.j_auth_seq_id_2 
_ndb_struct_na_base_pair_step.j_PDB_ins_code_2 
1 A DA 4 1_555 A DT 9 4_545 A DA 5 1_555 A DT 8 4_545 -0.587 0.072  3.124 2.418  0.197  40.608 0.082  1.099  3.085 0.284  -3.480 
40.677 1 AA_DA4DA5:DT8DT9_AA A 4 ? A 9 ? A 5 ? A 8 ? 
1 A DA 5 1_555 A DT 8 4_545 A DA 6 1_555 A DT 7 4_545 -0.045 -0.036 3.275 -0.744 1.592  38.420 -0.252 -0.024 3.271 2.418  1.130  
38.459 2 AA_DA5DA6:DT7DT8_AA A 5 ? A 8 ? A 6 ? A 7 ? 
1 A DA 6 1_555 A DT 7 4_545 A DT 7 1_555 A DA 6 4_545 0.000  -0.458 3.222 0.000  -0.687 35.390 -0.653 0.000  3.230 -1.130 0.000  
35.397 3 AA_DA6DT7:DA6DT7_AA A 6 ? A 7 ? A 7 ? A 6 ? 
1 A DT 7 1_555 A DA 6 4_545 A DT 8 1_555 A DA 5 4_545 0.045  -0.036 3.275 0.744  1.592  38.420 -0.252 0.024  3.271 2.418  -1.130 
38.459 4 AA_DT7DT8:DA5DA6_AA A 7 ? A 6 ? A 8 ? A 5 ? 
1 A DT 8 1_555 A DA 5 4_545 A DT 9 1_555 A DA 4 4_545 0.587  0.072  3.124 -2.418 0.197  40.608 0.082  -1.099 3.085 0.284  3.480  
40.677 5 AA_DT8DT9:DA4DA5_AA A 8 ? A 5 ? A 9 ? A 4 ? 
# 
loop_
_pdbx_entity_nonpoly.entity_id 
_pdbx_entity_nonpoly.name 
_pdbx_entity_nonpoly.comp_id 
2 'MAGNESIUM ION' MG  
3 water           HOH 
# 
_pdbx_initial_refinement_model.id               1 
_pdbx_initial_refinement_model.entity_id_list   ? 
_pdbx_initial_refinement_model.type             'experimental model' 
_pdbx_initial_refinement_model.source_name      PDB 
_pdbx_initial_refinement_model.accession_code   1P1Y 
_pdbx_initial_refinement_model.details          'PDB ENTRY 1P1Y' 
# 
